data_1ZFM
# 
_entry.id   1ZFM 
# 
_audit_conform.dict_name       mmcif_pdbx.dic 
_audit_conform.dict_version    5.389 
_audit_conform.dict_location   http://mmcif.pdb.org/dictionaries/ascii/mmcif_pdbx.dic 
# 
loop_
_database_2.database_id 
_database_2.database_code 
_database_2.pdbx_database_accession 
_database_2.pdbx_DOI 
PDB   1ZFM         pdb_00001zfm 10.2210/pdb1zfm/pdb 
NDB   BD0086       ?            ?                   
RCSB  RCSB032663   ?            ?                   
WWPDB D_1000032663 ?            ?                   
# 
loop_
_pdbx_audit_revision_history.ordinal 
_pdbx_audit_revision_history.data_content_type 
_pdbx_audit_revision_history.major_revision 
_pdbx_audit_revision_history.minor_revision 
_pdbx_audit_revision_history.revision_date 
1 'Structure model' 1 0 2005-05-10 
2 'Structure model' 1 1 2008-04-30 
3 'Structure model' 1 2 2011-07-13 
4 'Structure model' 1 3 2024-02-14 
5 'Structure model' 1 4 2024-04-03 
# 
_pdbx_audit_revision_details.ordinal             1 
_pdbx_audit_revision_details.revision_ordinal    1 
_pdbx_audit_revision_details.data_content_type   'Structure model' 
_pdbx_audit_revision_details.provider            repository 
_pdbx_audit_revision_details.type                'Initial release' 
_pdbx_audit_revision_details.description         ? 
_pdbx_audit_revision_details.details             ? 
# 
loop_
_pdbx_audit_revision_group.ordinal 
_pdbx_audit_revision_group.revision_ordinal 
_pdbx_audit_revision_group.data_content_type 
_pdbx_audit_revision_group.group 
1 2 'Structure model' 'Version format compliance' 
2 3 'Structure model' 'Version format compliance' 
3 4 'Structure model' 'Data collection'           
4 4 'Structure model' 'Database references'       
5 4 'Structure model' 'Refinement description'    
6 5 'Structure model' 'Refinement description'    
# 
loop_
_pdbx_audit_revision_category.ordinal 
_pdbx_audit_revision_category.revision_ordinal 
_pdbx_audit_revision_category.data_content_type 
_pdbx_audit_revision_category.category 
1 4 'Structure model' chem_comp_atom                
2 4 'Structure model' chem_comp_bond                
3 4 'Structure model' database_2                    
4 4 'Structure model' software                      
5 5 'Structure model' pdbx_initial_refinement_model 
# 
loop_
_pdbx_audit_revision_item.ordinal 
_pdbx_audit_revision_item.revision_ordinal 
_pdbx_audit_revision_item.data_content_type 
_pdbx_audit_revision_item.item 
1 4 'Structure model' '_database_2.pdbx_DOI'                
2 4 'Structure model' '_database_2.pdbx_database_accession' 
# 
_database_PDB_caveat.id     1 
_database_PDB_caveat.text   'chirality error at C1 (chain A)' 
# 
_pdbx_database_status.entry_id                        1ZFM 
_pdbx_database_status.deposit_site                    RCSB 
_pdbx_database_status.process_site                    RCSB 
_pdbx_database_status.recvd_initial_deposition_date   2005-04-20 
_pdbx_database_status.status_code                     REL 
_pdbx_database_status.status_code_sf                  REL 
_pdbx_database_status.status_code_mr                  ? 
_pdbx_database_status.SG_entry                        ? 
_pdbx_database_status.pdb_format_compatible           Y 
_pdbx_database_status.status_code_cs                  ? 
_pdbx_database_status.status_code_nmr_data            ? 
_pdbx_database_status.methods_development_category    ? 
# 
loop_
_pdbx_database_related.db_name 
_pdbx_database_related.db_id 
_pdbx_database_related.details 
_pdbx_database_related.content_type 
PDB 1P4Y . unspecified 
PDB 1P4Z . unspecified 
PDB 1DCW . unspecified 
PDB 1DCV . unspecified 
PDB 1ZEW . unspecified 
PDB 1ZEX . unspecified 
PDB 1ZEY . unspecified 
PDB 1ZEZ . unspecified 
PDB 1ZF0 . unspecified 
PDB 1ZF1 . unspecified 
PDB 1ZF2 . unspecified 
PDB 1ZF3 . unspecified 
PDB 1ZF4 . unspecified 
PDB 1ZF5 . unspecified 
PDB 1ZF6 . unspecified 
PDB 1ZF7 . unspecified 
PDB 1ZF8 . unspecified 
PDB 1ZF9 . unspecified 
PDB 1ZFA . unspecified 
PDB 1ZFB . unspecified 
PDB 1ZFC . unspecified 
PDB 1ZFE . unspecified 
PDB 1ZFF . unspecified 
PDB 1ZFG . unspecified 
PDB 1ZFH . unspecified 
# 
loop_
_audit_author.name 
_audit_author.pdbx_ordinal 
'Hays, F.A.'      1 
'Teegarden, A.T.' 2 
'Jones, Z.J.R.'   3 
'Harms, M.'       4 
'Raup, D.'        5 
'Watson, J.'      6 
'Cavaliere, E.'   7 
'Ho, P.S.'        8 
# 
_citation.id                        primary 
_citation.title                     'How sequence defines structure: a crystallographic map of DNA structure and conformation.' 
_citation.journal_abbrev            Proc.Natl.Acad.Sci.Usa 
_citation.journal_volume            102 
_citation.page_first                7157 
_citation.page_last                 7162 
_citation.year                      2005 
_citation.journal_id_ASTM           PNASA6 
_citation.country                   US 
_citation.journal_id_ISSN           0027-8424 
_citation.journal_id_CSD            0040 
_citation.book_publisher            ? 
_citation.pdbx_database_id_PubMed   15870206 
_citation.pdbx_database_id_DOI      10.1073/pnas.0409455102 
# 
loop_
_citation_author.citation_id 
_citation_author.name 
_citation_author.ordinal 
_citation_author.identifier_ORCID 
primary 'Hays, F.A.'    1 ? 
primary 'Teegarden, A.' 2 ? 
primary 'Jones, Z.J.'   3 ? 
primary 'Harms, M.'     4 ? 
primary 'Raup, D.'      5 ? 
primary 'Watson, J.'    6 ? 
primary 'Cavaliere, E.' 7 ? 
primary 'Ho, P.S.'      8 ? 
# 
loop_
_entity.id 
_entity.type 
_entity.src_method 
_entity.pdbx_description 
_entity.formula_weight 
_entity.pdbx_number_of_molecules 
_entity.pdbx_ec 
_entity.pdbx_mutation 
_entity.pdbx_fragment 
_entity.details 
1 polymer syn "5'-D(*CP*CP*GP*CP*TP*AP*GP*CP*GP*G)-3'" 3045.993 2  ? ? ? ? 
2 water   nat water                                    18.015   38 ? ? ? ? 
# 
_entity_poly.entity_id                      1 
_entity_poly.type                           polydeoxyribonucleotide 
_entity_poly.nstd_linkage                   no 
_entity_poly.nstd_monomer                   no 
_entity_poly.pdbx_seq_one_letter_code       '(DC)(DC)(DG)(DC)(DT)(DA)(DG)(DC)(DG)(DG)' 
_entity_poly.pdbx_seq_one_letter_code_can   CCGCTAGCGG 
_entity_poly.pdbx_strand_id                 A,B 
_entity_poly.pdbx_target_identifier         ? 
# 
_pdbx_entity_nonpoly.entity_id   2 
_pdbx_entity_nonpoly.name        water 
_pdbx_entity_nonpoly.comp_id     HOH 
# 
loop_
_entity_poly_seq.entity_id 
_entity_poly_seq.num 
_entity_poly_seq.mon_id 
_entity_poly_seq.hetero 
1 1  DC n 
1 2  DC n 
1 3  DG n 
1 4  DC n 
1 5  DT n 
1 6  DA n 
1 7  DG n 
1 8  DC n 
1 9  DG n 
1 10 DG n 
# 
_pdbx_entity_src_syn.entity_id              1 
_pdbx_entity_src_syn.pdbx_src_id            1 
_pdbx_entity_src_syn.pdbx_alt_source_flag   sample 
_pdbx_entity_src_syn.pdbx_beg_seq_num       ? 
_pdbx_entity_src_syn.pdbx_end_seq_num       ? 
_pdbx_entity_src_syn.organism_scientific    ? 
_pdbx_entity_src_syn.organism_common_name   ? 
_pdbx_entity_src_syn.ncbi_taxonomy_id       ? 
_pdbx_entity_src_syn.details                
;DNA WAS SYNTHESIZED ON AN APPLIED BIOSYSTEMS DNA SYNTHESIZER USING PHOSPHORAMIDITE CHEMISTRY, WITH THE TRITYL-PROTECTING GROUP LEFT INTACT AT THE 5'-TERMINAL NUCLEOTIDE THEN DEPROTECTED BY TREATMENT WITH 3% ACETIC ACID FOR FIFTEEN MINUTES, NEUTRALIZED WITH AMMONIUM HYDROXIDE, AND DESALTED ON A SIGMA G-25 SEPHADEX COLUMN.
;
# 
loop_
_chem_comp.id 
_chem_comp.type 
_chem_comp.mon_nstd_flag 
_chem_comp.name 
_chem_comp.pdbx_synonyms 
_chem_comp.formula 
_chem_comp.formula_weight 
DA  'DNA linking' y "2'-DEOXYADENOSINE-5'-MONOPHOSPHATE" ? 'C10 H14 N5 O6 P' 331.222 
DC  'DNA linking' y "2'-DEOXYCYTIDINE-5'-MONOPHOSPHATE"  ? 'C9 H14 N3 O7 P'  307.197 
DG  'DNA linking' y "2'-DEOXYGUANOSINE-5'-MONOPHOSPHATE" ? 'C10 H14 N5 O7 P' 347.221 
DT  'DNA linking' y "THYMIDINE-5'-MONOPHOSPHATE"         ? 'C10 H15 N2 O8 P' 322.208 
HOH non-polymer   . WATER                                ? 'H2 O'            18.015  
# 
loop_
_pdbx_poly_seq_scheme.asym_id 
_pdbx_poly_seq_scheme.entity_id 
_pdbx_poly_seq_scheme.seq_id 
_pdbx_poly_seq_scheme.mon_id 
_pdbx_poly_seq_scheme.ndb_seq_num 
_pdbx_poly_seq_scheme.pdb_seq_num 
_pdbx_poly_seq_scheme.auth_seq_num 
_pdbx_poly_seq_scheme.pdb_mon_id 
_pdbx_poly_seq_scheme.auth_mon_id 
_pdbx_poly_seq_scheme.pdb_strand_id 
_pdbx_poly_seq_scheme.pdb_ins_code 
_pdbx_poly_seq_scheme.hetero 
A 1 1  DC 1  1  1  DC C A . n 
A 1 2  DC 2  2  2  DC C A . n 
A 1 3  DG 3  3  3  DG G A . n 
A 1 4  DC 4  4  4  DC C A . n 
A 1 5  DT 5  5  5  DT T A . n 
A 1 6  DA 6  6  6  DA A A . n 
A 1 7  DG 7  7  7  DG G A . n 
A 1 8  DC 8  8  8  DC C A . n 
A 1 9  DG 9  9  9  DG G A . n 
A 1 10 DG 10 10 10 DG G A . n 
B 1 1  DC 1  11 11 DC C B . n 
B 1 2  DC 2  12 12 DC C B . n 
B 1 3  DG 3  13 13 DG G B . n 
B 1 4  DC 4  14 14 DC C B . n 
B 1 5  DT 5  15 15 DT T B . n 
B 1 6  DA 6  16 16 DA A B . n 
B 1 7  DG 7  17 17 DG G B . n 
B 1 8  DC 8  18 18 DC C B . n 
B 1 9  DG 9  19 19 DG G B . n 
B 1 10 DG 10 20 20 DG G B . n 
# 
loop_
_pdbx_nonpoly_scheme.asym_id 
_pdbx_nonpoly_scheme.entity_id 
_pdbx_nonpoly_scheme.mon_id 
_pdbx_nonpoly_scheme.ndb_seq_num 
_pdbx_nonpoly_scheme.pdb_seq_num 
_pdbx_nonpoly_scheme.auth_seq_num 
_pdbx_nonpoly_scheme.pdb_mon_id 
_pdbx_nonpoly_scheme.auth_mon_id 
_pdbx_nonpoly_scheme.pdb_strand_id 
_pdbx_nonpoly_scheme.pdb_ins_code 
C 2 HOH 1  21 21 HOH HOH A . 
C 2 HOH 2  22 22 HOH HOH A . 
C 2 HOH 3  23 23 HOH HOH A . 
C 2 HOH 4  25 25 HOH HOH A . 
C 2 HOH 5  26 26 HOH HOH A . 
C 2 HOH 6  27 27 HOH HOH A . 
C 2 HOH 7  29 29 HOH HOH A . 
C 2 HOH 8  32 32 HOH HOH A . 
C 2 HOH 9  34 34 HOH HOH A . 
C 2 HOH 10 35 35 HOH HOH A . 
C 2 HOH 11 36 36 HOH HOH A . 
C 2 HOH 12 37 37 HOH HOH A . 
C 2 HOH 13 46 46 HOH HOH A . 
C 2 HOH 14 49 49 HOH HOH A . 
C 2 HOH 15 52 52 HOH HOH A . 
C 2 HOH 16 53 53 HOH HOH A . 
C 2 HOH 17 55 55 HOH HOH A . 
C 2 HOH 18 61 61 HOH HOH A . 
C 2 HOH 19 62 62 HOH HOH A . 
C 2 HOH 20 64 64 HOH HOH A . 
D 2 HOH 1  30 30 HOH HOH B . 
D 2 HOH 2  31 31 HOH HOH B . 
D 2 HOH 3  38 38 HOH HOH B . 
D 2 HOH 4  39 39 HOH HOH B . 
D 2 HOH 5  41 41 HOH HOH B . 
D 2 HOH 6  42 42 HOH HOH B . 
D 2 HOH 7  43 43 HOH HOH B . 
D 2 HOH 8  44 44 HOH HOH B . 
D 2 HOH 9  45 45 HOH HOH B . 
D 2 HOH 10 47 47 HOH HOH B . 
D 2 HOH 11 50 50 HOH HOH B . 
D 2 HOH 12 51 51 HOH HOH B . 
D 2 HOH 13 56 56 HOH HOH B . 
D 2 HOH 14 57 57 HOH HOH B . 
D 2 HOH 15 58 58 HOH HOH B . 
D 2 HOH 16 59 59 HOH HOH B . 
D 2 HOH 17 60 60 HOH HOH B . 
D 2 HOH 18 63 63 HOH HOH B . 
# 
loop_
_software.name 
_software.version 
_software.date 
_software.type 
_software.contact_author 
_software.contact_author_email 
_software.classification 
_software.location 
_software.language 
_software.citation_id 
_software.pdbx_ordinal 
DENZO     .        ? package 'Zbyszek Otwinowski' zbyszek@mix.swmed.edu 'data reduction' 
http://www.lnls.br/infra/linhasluz/denzo-hkl.htm ?       ? 1 
SCALEPACK .        ? package 'Zbyszek Otwinowski' zbyszek@mix.swmed.edu 'data scaling'   
http://www.lnls.br/infra/linhasluz/denzo-hkl.htm ?       ? 2 
REFMAC    5.2.0005 ? program 'Murshudov, G.N.'    ccp4@dl.ac.uk         refinement       http://www.ccp4.ac.uk/main.html Fortran ? 
3 
EPMR      .        ? ?       ?                    ?                     phasing          ? ?       ? 4 
# 
_cell.entry_id           1ZFM 
_cell.length_a           63.891 
_cell.length_b           24.303 
_cell.length_c           40.388 
_cell.angle_alpha        90.00 
_cell.angle_beta         122.55 
_cell.angle_gamma        90.00 
_cell.Z_PDB              8 
_cell.pdbx_unique_axis   ? 
# 
_symmetry.entry_id                         1ZFM 
_symmetry.space_group_name_H-M             'C 1 2 1' 
_symmetry.pdbx_full_space_group_name_H-M   ? 
_symmetry.cell_setting                     ? 
_symmetry.Int_Tables_number                5 
_symmetry.space_group_name_Hall            ? 
# 
_exptl.entry_id          1ZFM 
_exptl.method            'X-RAY DIFFRACTION' 
_exptl.crystals_number   1 
# 
_exptl_crystal.id                    1 
_exptl_crystal.density_meas          ? 
_exptl_crystal.density_Matthews      2.17 
_exptl_crystal.density_percent_sol   43.30 
_exptl_crystal.description           ? 
_exptl_crystal.F_000                 ? 
_exptl_crystal.preparation           ? 
# 
_exptl_crystal_grow.crystal_id      1 
_exptl_crystal_grow.method          ? 
_exptl_crystal_grow.temp            298 
_exptl_crystal_grow.temp_details    ? 
_exptl_crystal_grow.pH              7.00 
_exptl_crystal_grow.pdbx_details    
'Na Cacodylate, CaCl2, Spermine, MPD in resevoir, pH 7.0, VAPOR DIFFUSION, SITTING DROP, temperature 298K, pH 7.00' 
_exptl_crystal_grow.pdbx_pH_range   . 
# 
loop_
_exptl_crystal_grow_comp.crystal_id 
_exptl_crystal_grow_comp.id 
_exptl_crystal_grow_comp.sol_id 
_exptl_crystal_grow_comp.name 
_exptl_crystal_grow_comp.conc 
_exptl_crystal_grow_comp.volume 
_exptl_crystal_grow_comp.details 
1 1 1 'Na Cacodylate' ? ? ? 
1 2 1 CaCl2           ? ? ? 
1 3 1 Spermine        ? ? ? 
1 4 1 MPD             ? ? ? 
1 5 1 H2O             ? ? ? 
1 6 2 'Na Cacodylate' ? ? ? 
1 7 2 CaCl2           ? ? ? 
1 8 2 MPD             ? ? ? 
1 9 2 H2O             ? ? ? 
# 
_diffrn.id                     1 
_diffrn.ambient_temp           103.0 
_diffrn.ambient_temp_details   ? 
_diffrn.crystal_id             1 
# 
_diffrn_detector.diffrn_id              1 
_diffrn_detector.detector               'IMAGE PLATE' 
_diffrn_detector.type                   'RIGAKU RAXIS IV' 
_diffrn_detector.pdbx_collection_date   2002-12-13 
_diffrn_detector.details                ? 
# 
_diffrn_radiation.diffrn_id                        1 
_diffrn_radiation.wavelength_id                    1 
_diffrn_radiation.pdbx_monochromatic_or_laue_m_l   M 
_diffrn_radiation.monochromator                    ? 
_diffrn_radiation.pdbx_diffrn_protocol             'SINGLE WAVELENGTH' 
_diffrn_radiation.pdbx_scattering_type             x-ray 
# 
_diffrn_radiation_wavelength.id           1 
_diffrn_radiation_wavelength.wavelength   1.5418 
_diffrn_radiation_wavelength.wt           1.0 
# 
_diffrn_source.diffrn_id                   1 
_diffrn_source.source                      'ROTATING ANODE' 
_diffrn_source.type                        'RIGAKU RUH3R' 
_diffrn_source.pdbx_synchrotron_site       ? 
_diffrn_source.pdbx_synchrotron_beamline   ? 
_diffrn_source.pdbx_wavelength             1.5418 
_diffrn_source.pdbx_wavelength_list        ? 
# 
_reflns.entry_id                     1ZFM 
_reflns.observed_criterion_sigma_I   0.000 
_reflns.observed_criterion_sigma_F   ? 
_reflns.d_resolution_low             99.000 
_reflns.d_resolution_high            2.200 
_reflns.number_obs                   2577 
_reflns.number_all                   ? 
_reflns.percent_possible_obs         92.3 
_reflns.pdbx_Rmerge_I_obs            0.048 
_reflns.pdbx_Rsym_value              ? 
_reflns.pdbx_netI_over_sigmaI        14.6000 
_reflns.B_iso_Wilson_estimate        ? 
_reflns.pdbx_redundancy              ? 
_reflns.R_free_details               ? 
_reflns.pdbx_chi_squared             ? 
_reflns.pdbx_scaling_rejects         ? 
_reflns.pdbx_diffrn_id               1 
_reflns.pdbx_ordinal                 1 
# 
_reflns_shell.d_res_high             2.20 
_reflns_shell.d_res_low              2.28 
_reflns_shell.percent_possible_all   77.1 
_reflns_shell.Rmerge_I_obs           0.224 
_reflns_shell.pdbx_Rsym_value        ? 
_reflns_shell.meanI_over_sigI_obs    4.000 
_reflns_shell.pdbx_redundancy        ? 
_reflns_shell.percent_possible_obs   ? 
_reflns_shell.number_unique_all      ? 
_reflns_shell.number_measured_all    ? 
_reflns_shell.number_measured_obs    ? 
_reflns_shell.number_unique_obs      ? 
_reflns_shell.pdbx_chi_squared       ? 
_reflns_shell.pdbx_diffrn_id         ? 
_reflns_shell.pdbx_ordinal           1 
# 
_refine.entry_id                                 1ZFM 
_refine.ls_number_reflns_obs                     2235 
_refine.ls_number_reflns_all                     ? 
_refine.pdbx_ls_sigma_I                          ? 
_refine.pdbx_ls_sigma_F                          0.000 
_refine.pdbx_data_cutoff_high_absF               ? 
_refine.pdbx_data_cutoff_low_absF                ? 
_refine.pdbx_data_cutoff_high_rms_absF           ? 
_refine.ls_d_res_low                             17.11 
_refine.ls_d_res_high                            2.20 
_refine.ls_percent_reflns_obs                    100.0 
_refine.ls_R_factor_obs                          0.275 
_refine.ls_R_factor_all                          ? 
_refine.ls_R_factor_R_work                       0.266 
_refine.ls_R_factor_R_free                       0.364 
_refine.ls_R_factor_R_free_error                 ? 
_refine.ls_R_factor_R_free_error_details         ? 
_refine.ls_percent_reflns_R_free                 9.400 
_refine.ls_number_reflns_R_free                  233 
_refine.ls_number_parameters                     ? 
_refine.ls_number_restraints                     ? 
_refine.occupancy_min                            ? 
_refine.occupancy_max                            ? 
_refine.correlation_coeff_Fo_to_Fc               0.880 
_refine.correlation_coeff_Fo_to_Fc_free          0.668 
_refine.B_iso_mean                               18.04 
_refine.aniso_B[1][1]                            -0.33000 
_refine.aniso_B[2][2]                            1.19000 
_refine.aniso_B[3][3]                            -0.87000 
_refine.aniso_B[1][2]                            0.00000 
_refine.aniso_B[1][3]                            -0.01000 
_refine.aniso_B[2][3]                            0.00000 
_refine.solvent_model_details                    MASK 
_refine.solvent_model_param_ksol                 ? 
_refine.solvent_model_param_bsol                 ? 
_refine.pdbx_solvent_vdw_probe_radii             1.20 
_refine.pdbx_solvent_ion_probe_radii             0.80 
_refine.pdbx_solvent_shrinkage_radii             0.80 
_refine.pdbx_ls_cross_valid_method               THROUGHOUT 
_refine.details                                  
'STRUCTURE IS NOT FULLY REFINED. REPEA BD0028 FROM SAME LAB. WILL BE UPDATED AS BETTER DATA IS OBTAINE TO CITATION.' 
_refine.pdbx_starting_model                      'NDB ENTRY BD0028' 
_refine.pdbx_method_to_determine_struct          'MOLECULAR REPLACEMENT' 
_refine.pdbx_isotropic_thermal_model             ? 
_refine.pdbx_stereochemistry_target_values       'MAWIMUM LIKELIHOOD' 
_refine.pdbx_stereochem_target_val_spec_case     ? 
_refine.pdbx_R_Free_selection_details            RANDOM 
_refine.pdbx_overall_ESU_R                       0.589 
_refine.pdbx_overall_ESU_R_Free                  0.369 
_refine.overall_SU_ML                            ? 
_refine.overall_SU_B                             ? 
_refine.ls_redundancy_reflns_obs                 ? 
_refine.overall_SU_R_Cruickshank_DPI             ? 
_refine.overall_SU_R_free                        ? 
_refine.ls_wR_factor_R_free                      ? 
_refine.ls_wR_factor_R_work                      ? 
_refine.overall_FOM_free_R_set                   ? 
_refine.overall_FOM_work_R_set                   ? 
_refine.pdbx_refine_id                           'X-RAY DIFFRACTION' 
_refine.pdbx_diffrn_id                           1 
_refine.pdbx_TLS_residual_ADP_flag               ? 
_refine.pdbx_overall_phase_error                 ? 
_refine.pdbx_overall_SU_R_free_Cruickshank_DPI   ? 
_refine.pdbx_overall_SU_R_Blow_DPI               ? 
_refine.pdbx_overall_SU_R_free_Blow_DPI          ? 
# 
_refine_hist.pdbx_refine_id                   'X-RAY DIFFRACTION' 
_refine_hist.cycle_id                         LAST 
_refine_hist.pdbx_number_atoms_protein        0 
_refine_hist.pdbx_number_atoms_nucleic_acid   404 
_refine_hist.pdbx_number_atoms_ligand         0 
_refine_hist.number_atoms_solvent             38 
_refine_hist.number_atoms_total               442 
_refine_hist.d_res_high                       2.20 
_refine_hist.d_res_low                        17.11 
# 
loop_
_refine_ls_restr.type 
_refine_ls_restr.dev_ideal 
_refine_ls_restr.dev_ideal_target 
_refine_ls_restr.weight 
_refine_ls_restr.number 
_refine_ls_restr.pdbx_refine_id 
_refine_ls_restr.pdbx_restraint_function 
r_bond_refined_d             0.032 0.021 ? 452 'X-RAY DIFFRACTION' ? 
r_bond_other_d               ?     ?     ? ?   'X-RAY DIFFRACTION' ? 
r_angle_refined_deg          5.559 3.000 ? 694 'X-RAY DIFFRACTION' ? 
r_angle_other_deg            ?     ?     ? ?   'X-RAY DIFFRACTION' ? 
r_dihedral_angle_1_deg       ?     ?     ? ?   'X-RAY DIFFRACTION' ? 
r_dihedral_angle_2_deg       ?     ?     ? ?   'X-RAY DIFFRACTION' ? 
r_dihedral_angle_3_deg       ?     ?     ? ?   'X-RAY DIFFRACTION' ? 
r_dihedral_angle_4_deg       ?     ?     ? ?   'X-RAY DIFFRACTION' ? 
r_chiral_restr               0.217 0.200 ? 78  'X-RAY DIFFRACTION' ? 
r_gen_planes_refined         0.017 0.020 ? 208 'X-RAY DIFFRACTION' ? 
r_gen_planes_other           ?     ?     ? ?   'X-RAY DIFFRACTION' ? 
r_nbd_refined                0.432 0.200 ? 245 'X-RAY DIFFRACTION' ? 
r_nbd_other                  ?     ?     ? ?   'X-RAY DIFFRACTION' ? 
r_nbtor_refined              0.429 0.200 ? 240 'X-RAY DIFFRACTION' ? 
r_nbtor_other                ?     ?     ? ?   'X-RAY DIFFRACTION' ? 
r_xyhbond_nbd_refined        ?     ?     ? ?   'X-RAY DIFFRACTION' ? 
r_xyhbond_nbd_other          ?     ?     ? ?   'X-RAY DIFFRACTION' ? 
r_metal_ion_refined          ?     ?     ? ?   'X-RAY DIFFRACTION' ? 
r_metal_ion_other            ?     ?     ? ?   'X-RAY DIFFRACTION' ? 
r_symmetry_vdw_refined       0.359 0.200 ? 50  'X-RAY DIFFRACTION' ? 
r_symmetry_vdw_other         ?     ?     ? ?   'X-RAY DIFFRACTION' ? 
r_symmetry_hbond_refined     0.308 0.200 ? 5   'X-RAY DIFFRACTION' ? 
r_symmetry_hbond_other       ?     ?     ? ?   'X-RAY DIFFRACTION' ? 
r_symmetry_metal_ion_refined ?     ?     ? ?   'X-RAY DIFFRACTION' ? 
r_symmetry_metal_ion_other   ?     ?     ? ?   'X-RAY DIFFRACTION' ? 
r_mcbond_it                  ?     ?     ? ?   'X-RAY DIFFRACTION' ? 
r_mcbond_other               ?     ?     ? ?   'X-RAY DIFFRACTION' ? 
r_mcangle_it                 ?     ?     ? ?   'X-RAY DIFFRACTION' ? 
r_scbond_it                  3.000 3.000 ? 656 'X-RAY DIFFRACTION' ? 
r_scangle_it                 4.429 4.500 ? 694 'X-RAY DIFFRACTION' ? 
r_rigid_bond_restr           ?     ?     ? ?   'X-RAY DIFFRACTION' ? 
r_sphericity_free            ?     ?     ? ?   'X-RAY DIFFRACTION' ? 
r_sphericity_bonded          ?     ?     ? ?   'X-RAY DIFFRACTION' ? 
# 
_refine_ls_shell.pdbx_total_number_of_bins_used   20 
_refine_ls_shell.d_res_high                       2.20 
_refine_ls_shell.d_res_low                        2.26 
_refine_ls_shell.number_reflns_R_work             123 
_refine_ls_shell.R_factor_R_work                  0.354 
_refine_ls_shell.percent_reflns_obs               100.00 
_refine_ls_shell.R_factor_R_free                  0.361 
_refine_ls_shell.R_factor_R_free_error            ? 
_refine_ls_shell.percent_reflns_R_free            ? 
_refine_ls_shell.number_reflns_R_free             11 
_refine_ls_shell.redundancy_reflns_obs            ? 
_refine_ls_shell.pdbx_refine_id                   'X-RAY DIFFRACTION' 
_refine_ls_shell.number_reflns_all                ? 
_refine_ls_shell.R_factor_all                     ? 
# 
_struct.entry_id                  1ZFM 
_struct.title                     'AGC Duplex B-DNA' 
_struct.pdbx_model_details        ? 
_struct.pdbx_CASP_flag            ? 
_struct.pdbx_model_type_details   ? 
# 
_struct_keywords.text            'Crystallographic Screen, DNA Structure, Holliday Junction, Molecular Structure, DNA' 
_struct_keywords.entry_id        1ZFM 
_struct_keywords.pdbx_keywords   DNA 
# 
loop_
_struct_asym.id 
_struct_asym.pdbx_blank_PDB_chainid_flag 
_struct_asym.pdbx_modified 
_struct_asym.entity_id 
_struct_asym.details 
A N N 1 ? 
B N N 1 ? 
C N N 2 ? 
D N N 2 ? 
# 
_struct_ref.id                         1 
_struct_ref.entity_id                  1 
_struct_ref.db_name                    PDB 
_struct_ref.db_code                    1ZFM 
_struct_ref.pdbx_db_accession          1ZFM 
_struct_ref.pdbx_db_isoform            ? 
_struct_ref.pdbx_seq_one_letter_code   ? 
_struct_ref.pdbx_align_begin           ? 
# 
loop_
_struct_ref_seq.align_id 
_struct_ref_seq.ref_id 
_struct_ref_seq.pdbx_PDB_id_code 
_struct_ref_seq.pdbx_strand_id 
_struct_ref_seq.seq_align_beg 
_struct_ref_seq.pdbx_seq_align_beg_ins_code 
_struct_ref_seq.seq_align_end 
_struct_ref_seq.pdbx_seq_align_end_ins_code 
_struct_ref_seq.pdbx_db_accession 
_struct_ref_seq.db_align_beg 
_struct_ref_seq.pdbx_db_align_beg_ins_code 
_struct_ref_seq.db_align_end 
_struct_ref_seq.pdbx_db_align_end_ins_code 
_struct_ref_seq.pdbx_auth_seq_align_beg 
_struct_ref_seq.pdbx_auth_seq_align_end 
1 1 1ZFM A 1 ? 10 ? 1ZFM 1  ? 10 ? 1  10 
2 1 1ZFM B 1 ? 10 ? 1ZFM 11 ? 20 ? 11 20 
# 
_pdbx_struct_assembly.id                   1 
_pdbx_struct_assembly.details              author_defined_assembly 
_pdbx_struct_assembly.method_details       ? 
_pdbx_struct_assembly.oligomeric_details   dimeric 
_pdbx_struct_assembly.oligomeric_count     2 
# 
_pdbx_struct_assembly_gen.assembly_id       1 
_pdbx_struct_assembly_gen.oper_expression   1 
_pdbx_struct_assembly_gen.asym_id_list      A,B,C,D 
# 
_pdbx_struct_oper_list.id                   1 
_pdbx_struct_oper_list.type                 'identity operation' 
_pdbx_struct_oper_list.name                 1_555 
_pdbx_struct_oper_list.symmetry_operation   x,y,z 
_pdbx_struct_oper_list.matrix[1][1]         1.0000000000 
_pdbx_struct_oper_list.matrix[1][2]         0.0000000000 
_pdbx_struct_oper_list.matrix[1][3]         0.0000000000 
_pdbx_struct_oper_list.vector[1]            0.0000000000 
_pdbx_struct_oper_list.matrix[2][1]         0.0000000000 
_pdbx_struct_oper_list.matrix[2][2]         1.0000000000 
_pdbx_struct_oper_list.matrix[2][3]         0.0000000000 
_pdbx_struct_oper_list.vector[2]            0.0000000000 
_pdbx_struct_oper_list.matrix[3][1]         0.0000000000 
_pdbx_struct_oper_list.matrix[3][2]         0.0000000000 
_pdbx_struct_oper_list.matrix[3][3]         1.0000000000 
_pdbx_struct_oper_list.vector[3]            0.0000000000 
# 
_struct_biol.id                    1 
_struct_biol.pdbx_parent_biol_id   ? 
_struct_biol.details               ? 
# 
loop_
_struct_conn.id 
_struct_conn.conn_type_id 
_struct_conn.pdbx_leaving_atom_flag 
_struct_conn.pdbx_PDB_id 
_struct_conn.ptnr1_label_asym_id 
_struct_conn.ptnr1_label_comp_id 
_struct_conn.ptnr1_label_seq_id 
_struct_conn.ptnr1_label_atom_id 
_struct_conn.pdbx_ptnr1_label_alt_id 
_struct_conn.pdbx_ptnr1_PDB_ins_code 
_struct_conn.pdbx_ptnr1_standard_comp_id 
_struct_conn.ptnr1_symmetry 
_struct_conn.ptnr2_label_asym_id 
_struct_conn.ptnr2_label_comp_id 
_struct_conn.ptnr2_label_seq_id 
_struct_conn.ptnr2_label_atom_id 
_struct_conn.pdbx_ptnr2_label_alt_id 
_struct_conn.pdbx_ptnr2_PDB_ins_code 
_struct_conn.ptnr1_auth_asym_id 
_struct_conn.ptnr1_auth_comp_id 
_struct_conn.ptnr1_auth_seq_id 
_struct_conn.ptnr2_auth_asym_id 
_struct_conn.ptnr2_auth_comp_id 
_struct_conn.ptnr2_auth_seq_id 
_struct_conn.ptnr2_symmetry 
_struct_conn.pdbx_ptnr3_label_atom_id 
_struct_conn.pdbx_ptnr3_label_seq_id 
_struct_conn.pdbx_ptnr3_label_comp_id 
_struct_conn.pdbx_ptnr3_label_asym_id 
_struct_conn.pdbx_ptnr3_label_alt_id 
_struct_conn.pdbx_ptnr3_PDB_ins_code 
_struct_conn.details 
_struct_conn.pdbx_dist_value 
_struct_conn.pdbx_value_order 
_struct_conn.pdbx_role 
hydrog1  hydrog ? ? A DC 1  N3 ? ? ? 1_555 B DG 10 N1 ? ? A DC 1  B DG 20 1_555 ? ? ? ? ? ? WATSON-CRICK ? ? ? 
hydrog2  hydrog ? ? A DC 1  N4 ? ? ? 1_555 B DG 10 O6 ? ? A DC 1  B DG 20 1_555 ? ? ? ? ? ? WATSON-CRICK ? ? ? 
hydrog3  hydrog ? ? A DC 1  O2 ? ? ? 1_555 B DG 10 N2 ? ? A DC 1  B DG 20 1_555 ? ? ? ? ? ? WATSON-CRICK ? ? ? 
hydrog4  hydrog ? ? A DC 2  N3 ? ? ? 1_555 B DG 9  N1 ? ? A DC 2  B DG 19 1_555 ? ? ? ? ? ? WATSON-CRICK ? ? ? 
hydrog5  hydrog ? ? A DC 2  N4 ? ? ? 1_555 B DG 9  O6 ? ? A DC 2  B DG 19 1_555 ? ? ? ? ? ? WATSON-CRICK ? ? ? 
hydrog6  hydrog ? ? A DC 2  O2 ? ? ? 1_555 B DG 9  N2 ? ? A DC 2  B DG 19 1_555 ? ? ? ? ? ? WATSON-CRICK ? ? ? 
hydrog7  hydrog ? ? A DG 3  N1 ? ? ? 1_555 B DC 8  N3 ? ? A DG 3  B DC 18 1_555 ? ? ? ? ? ? 'DG-DC PAIR' ? ? ? 
hydrog8  hydrog ? ? A DC 4  O2 ? ? ? 1_555 B DG 7  N2 ? ? A DC 4  B DG 17 1_555 ? ? ? ? ? ? 'DC-DG PAIR' ? ? ? 
hydrog9  hydrog ? ? A DT 5  N3 ? ? ? 1_555 B DA 6  N1 ? ? A DT 5  B DA 16 1_555 ? ? ? ? ? ? WATSON-CRICK ? ? ? 
hydrog10 hydrog ? ? A DT 5  O4 ? ? ? 1_555 B DA 6  N6 ? ? A DT 5  B DA 16 1_555 ? ? ? ? ? ? WATSON-CRICK ? ? ? 
hydrog11 hydrog ? ? A DA 6  N1 ? ? ? 1_555 B DT 5  N3 ? ? A DA 6  B DT 15 1_555 ? ? ? ? ? ? WATSON-CRICK ? ? ? 
hydrog12 hydrog ? ? A DA 6  N6 ? ? ? 1_555 B DT 5  O4 ? ? A DA 6  B DT 15 1_555 ? ? ? ? ? ? WATSON-CRICK ? ? ? 
hydrog13 hydrog ? ? A DG 7  N1 ? ? ? 1_555 B DC 4  N3 ? ? A DG 7  B DC 14 1_555 ? ? ? ? ? ? 'DG-DC PAIR' ? ? ? 
hydrog14 hydrog ? ? A DC 8  N3 ? ? ? 1_555 B DG 3  N1 ? ? A DC 8  B DG 13 1_555 ? ? ? ? ? ? WATSON-CRICK ? ? ? 
hydrog15 hydrog ? ? A DC 8  N4 ? ? ? 1_555 B DG 3  O6 ? ? A DC 8  B DG 13 1_555 ? ? ? ? ? ? WATSON-CRICK ? ? ? 
hydrog16 hydrog ? ? A DC 8  O2 ? ? ? 1_555 B DG 3  N2 ? ? A DC 8  B DG 13 1_555 ? ? ? ? ? ? WATSON-CRICK ? ? ? 
hydrog17 hydrog ? ? A DG 9  N1 ? ? ? 1_555 B DC 2  N3 ? ? A DG 9  B DC 12 1_555 ? ? ? ? ? ? WATSON-CRICK ? ? ? 
hydrog18 hydrog ? ? A DG 9  N2 ? ? ? 1_555 B DC 2  O2 ? ? A DG 9  B DC 12 1_555 ? ? ? ? ? ? WATSON-CRICK ? ? ? 
hydrog19 hydrog ? ? A DG 9  O6 ? ? ? 1_555 B DC 2  N4 ? ? A DG 9  B DC 12 1_555 ? ? ? ? ? ? WATSON-CRICK ? ? ? 
hydrog20 hydrog ? ? A DG 10 N1 ? ? ? 1_555 B DC 1  N3 ? ? A DG 10 B DC 11 1_555 ? ? ? ? ? ? 'DG-DC PAIR' ? ? ? 
# 
_struct_conn_type.id          hydrog 
_struct_conn_type.criteria    ? 
_struct_conn_type.reference   ? 
# 
loop_
_pdbx_validate_close_contact.id 
_pdbx_validate_close_contact.PDB_model_num 
_pdbx_validate_close_contact.auth_atom_id_1 
_pdbx_validate_close_contact.auth_asym_id_1 
_pdbx_validate_close_contact.auth_comp_id_1 
_pdbx_validate_close_contact.auth_seq_id_1 
_pdbx_validate_close_contact.PDB_ins_code_1 
_pdbx_validate_close_contact.label_alt_id_1 
_pdbx_validate_close_contact.auth_atom_id_2 
_pdbx_validate_close_contact.auth_asym_id_2 
_pdbx_validate_close_contact.auth_comp_id_2 
_pdbx_validate_close_contact.auth_seq_id_2 
_pdbx_validate_close_contact.PDB_ins_code_2 
_pdbx_validate_close_contact.label_alt_id_2 
_pdbx_validate_close_contact.dist 
1 1 N4    A DC 4  ? ? O6 B DG  17 ? ? 1.94 
2 1 "O3'" B DC 12 ? ? O  B HOH 57 ? ? 2.09 
3 1 O6    A DG 3  ? ? N4 B DC  18 ? ? 2.12 
4 1 N2    A DG 9  ? ? N3 B DC  12 ? ? 2.13 
# 
_pdbx_validate_symm_contact.id                1 
_pdbx_validate_symm_contact.PDB_model_num     1 
_pdbx_validate_symm_contact.auth_atom_id_1    "O3'" 
_pdbx_validate_symm_contact.auth_asym_id_1    A 
_pdbx_validate_symm_contact.auth_comp_id_1    DG 
_pdbx_validate_symm_contact.auth_seq_id_1     10 
_pdbx_validate_symm_contact.PDB_ins_code_1    ? 
_pdbx_validate_symm_contact.label_alt_id_1    ? 
_pdbx_validate_symm_contact.site_symmetry_1   1_555 
_pdbx_validate_symm_contact.auth_atom_id_2    OP1 
_pdbx_validate_symm_contact.auth_asym_id_2    B 
_pdbx_validate_symm_contact.auth_comp_id_2    DC 
_pdbx_validate_symm_contact.auth_seq_id_2     14 
_pdbx_validate_symm_contact.PDB_ins_code_2    ? 
_pdbx_validate_symm_contact.label_alt_id_2    ? 
_pdbx_validate_symm_contact.site_symmetry_2   4_455 
_pdbx_validate_symm_contact.dist              2.08 
# 
loop_
_pdbx_validate_rmsd_bond.id 
_pdbx_validate_rmsd_bond.PDB_model_num 
_pdbx_validate_rmsd_bond.auth_atom_id_1 
_pdbx_validate_rmsd_bond.auth_asym_id_1 
_pdbx_validate_rmsd_bond.auth_comp_id_1 
_pdbx_validate_rmsd_bond.auth_seq_id_1 
_pdbx_validate_rmsd_bond.PDB_ins_code_1 
_pdbx_validate_rmsd_bond.label_alt_id_1 
_pdbx_validate_rmsd_bond.auth_atom_id_2 
_pdbx_validate_rmsd_bond.auth_asym_id_2 
_pdbx_validate_rmsd_bond.auth_comp_id_2 
_pdbx_validate_rmsd_bond.auth_seq_id_2 
_pdbx_validate_rmsd_bond.PDB_ins_code_2 
_pdbx_validate_rmsd_bond.label_alt_id_2 
_pdbx_validate_rmsd_bond.bond_value 
_pdbx_validate_rmsd_bond.bond_target_value 
_pdbx_validate_rmsd_bond.bond_deviation 
_pdbx_validate_rmsd_bond.bond_standard_deviation 
_pdbx_validate_rmsd_bond.linker_flag 
1  1 "C5'" A DC 1  ? ? "C4'" A DC 1  ? ? 1.555 1.512 0.043  0.007 N 
2  1 "C1'" A DC 1  ? ? N1    A DC 1  ? ? 1.355 1.468 -0.113 0.014 N 
3  1 N1    A DC 2  ? ? C6    A DC 2  ? ? 1.324 1.367 -0.043 0.006 N 
4  1 C2    A DG 3  ? ? N3    A DG 3  ? ? 1.269 1.323 -0.054 0.008 N 
5  1 C5    A DG 3  ? ? N7    A DG 3  ? ? 1.455 1.388 0.067  0.006 N 
6  1 N7    A DG 3  ? ? C8    A DG 3  ? ? 1.351 1.305 0.046  0.006 N 
7  1 "O3'" A DC 4  ? ? "C3'" A DC 4  ? ? 1.533 1.435 0.098  0.013 N 
8  1 "C1'" A DC 4  ? ? N1    A DC 4  ? ? 1.595 1.488 0.107  0.013 N 
9  1 C4    A DC 4  ? ? C5    A DC 4  ? ? 1.359 1.425 -0.066 0.008 N 
10 1 C6    A DA 6  ? ? N6    A DA 6  ? ? 1.395 1.335 0.060  0.008 N 
11 1 "O3'" A DG 7  ? ? "C3'" A DG 7  ? ? 1.381 1.419 -0.038 0.006 N 
12 1 C4    A DG 7  ? ? C5    A DG 7  ? ? 1.325 1.379 -0.054 0.007 N 
13 1 C8    A DG 7  ? ? N9    A DG 7  ? ? 1.320 1.374 -0.054 0.007 N 
14 1 "O3'" A DG 7  ? ? P     A DC 8  ? ? 1.507 1.607 -0.100 0.012 Y 
15 1 C5    A DG 10 ? ? C6    A DG 10 ? ? 1.339 1.419 -0.080 0.010 N 
16 1 C5    A DG 10 ? ? N7    A DG 10 ? ? 1.343 1.388 -0.045 0.006 N 
17 1 "C3'" B DG 13 ? ? "C2'" B DG 13 ? ? 1.592 1.518 0.074  0.012 N 
18 1 "O3'" B DG 13 ? ? "C3'" B DG 13 ? ? 1.554 1.435 0.119  0.013 N 
19 1 "O3'" B DT 15 ? ? "C3'" B DT 15 ? ? 1.526 1.435 0.091  0.013 N 
20 1 "C1'" B DT 15 ? ? N1    B DT 15 ? ? 1.620 1.488 0.132  0.013 N 
21 1 C5    B DT 15 ? ? C6    B DT 15 ? ? 1.381 1.339 0.042  0.007 N 
22 1 P     B DA 16 ? ? "O5'" B DA 16 ? ? 1.530 1.593 -0.063 0.010 N 
23 1 N3    B DA 16 ? ? C4    B DA 16 ? ? 1.304 1.344 -0.040 0.006 N 
24 1 C5    B DA 16 ? ? C6    B DA 16 ? ? 1.350 1.406 -0.056 0.009 N 
25 1 C6    B DA 16 ? ? N1    B DA 16 ? ? 1.259 1.351 -0.092 0.007 N 
26 1 N9    B DA 16 ? ? C4    B DA 16 ? ? 1.338 1.374 -0.036 0.006 N 
27 1 C6    B DA 16 ? ? N6    B DA 16 ? ? 1.260 1.335 -0.075 0.008 N 
28 1 "O3'" B DG 17 ? ? "C3'" B DG 17 ? ? 1.317 1.419 -0.102 0.006 N 
29 1 "O3'" B DG 17 ? ? P     B DC 18 ? ? 1.529 1.607 -0.078 0.012 Y 
30 1 "O3'" B DC 18 ? ? "C3'" B DC 18 ? ? 1.527 1.435 0.092  0.013 N 
31 1 "C1'" B DC 18 ? ? N1    B DC 18 ? ? 1.606 1.488 0.118  0.013 N 
32 1 "O3'" B DG 19 ? ? "C3'" B DG 19 ? ? 1.337 1.419 -0.082 0.006 N 
33 1 N3    B DG 19 ? ? C4    B DG 19 ? ? 1.404 1.350 0.054  0.007 N 
34 1 C6    B DG 20 ? ? N1    B DG 20 ? ? 1.344 1.391 -0.047 0.007 N 
# 
loop_
_pdbx_validate_rmsd_angle.id 
_pdbx_validate_rmsd_angle.PDB_model_num 
_pdbx_validate_rmsd_angle.auth_atom_id_1 
_pdbx_validate_rmsd_angle.auth_asym_id_1 
_pdbx_validate_rmsd_angle.auth_comp_id_1 
_pdbx_validate_rmsd_angle.auth_seq_id_1 
_pdbx_validate_rmsd_angle.PDB_ins_code_1 
_pdbx_validate_rmsd_angle.label_alt_id_1 
_pdbx_validate_rmsd_angle.auth_atom_id_2 
_pdbx_validate_rmsd_angle.auth_asym_id_2 
_pdbx_validate_rmsd_angle.auth_comp_id_2 
_pdbx_validate_rmsd_angle.auth_seq_id_2 
_pdbx_validate_rmsd_angle.PDB_ins_code_2 
_pdbx_validate_rmsd_angle.label_alt_id_2 
_pdbx_validate_rmsd_angle.auth_atom_id_3 
_pdbx_validate_rmsd_angle.auth_asym_id_3 
_pdbx_validate_rmsd_angle.auth_comp_id_3 
_pdbx_validate_rmsd_angle.auth_seq_id_3 
_pdbx_validate_rmsd_angle.PDB_ins_code_3 
_pdbx_validate_rmsd_angle.label_alt_id_3 
_pdbx_validate_rmsd_angle.angle_value 
_pdbx_validate_rmsd_angle.angle_target_value 
_pdbx_validate_rmsd_angle.angle_deviation 
_pdbx_validate_rmsd_angle.angle_standard_deviation 
_pdbx_validate_rmsd_angle.linker_flag 
1   1 "C1'" A DC 1  ? ? "O4'" A DC 1  ? ? "C4'" A DC 1  ? ? 99.92  110.10 -10.18 1.00 N 
2   1 "C3'" A DC 1  ? ? "C2'" A DC 1  ? ? "C1'" A DC 1  ? ? 94.52  102.40 -7.88  0.80 N 
3   1 "O4'" A DC 1  ? ? "C1'" A DC 1  ? ? "C2'" A DC 1  ? ? 95.38  105.90 -10.52 0.80 N 
4   1 N1    A DC 1  ? ? "C1'" A DC 1  ? ? "C2'" A DC 1  ? ? 123.56 114.30 9.26   1.40 N 
5   1 "O4'" A DC 1  ? ? "C1'" A DC 1  ? ? N1    A DC 1  ? ? 97.11  108.00 -10.89 0.70 N 
6   1 C6    A DC 1  ? ? N1    A DC 1  ? ? C2    A DC 1  ? ? 124.19 120.30 3.89   0.40 N 
7   1 N1    A DC 1  ? ? C2    A DC 1  ? ? O2    A DC 1  ? ? 124.81 118.90 5.91   0.60 N 
8   1 "C3'" A DC 1  ? ? "O3'" A DC 1  ? ? P     A DC 2  ? ? 136.39 119.70 16.69  1.20 Y 
9   1 "O3'" A DC 1  ? ? P     A DC 2  ? ? OP1   A DC 2  ? ? 121.61 110.50 11.11  1.10 Y 
10  1 "O5'" A DC 2  ? ? "C5'" A DC 2  ? ? "C4'" A DC 2  ? ? 100.16 109.40 -9.24  0.80 N 
11  1 "O4'" A DC 2  ? ? "C4'" A DC 2  ? ? "C3'" A DC 2  ? ? 97.98  104.50 -6.52  0.40 N 
12  1 "C1'" A DC 2  ? ? "O4'" A DC 2  ? ? "C4'" A DC 2  ? ? 115.62 110.30 5.32   0.70 N 
13  1 "O4'" A DC 2  ? ? "C1'" A DC 2  ? ? "C2'" A DC 2  ? ? 99.78  105.90 -6.12  0.80 N 
14  1 C5    A DC 2  ? ? C6    A DC 2  ? ? N1    A DC 2  ? ? 124.14 121.00 3.14   0.50 N 
15  1 N9    A DG 3  ? ? "C1'" A DG 3  ? ? "C2'" A DG 3  ? ? 126.72 114.30 12.42  1.40 N 
16  1 "O4'" A DG 3  ? ? "C1'" A DG 3  ? ? N9    A DG 3  ? ? 100.53 108.00 -7.47  0.70 N 
17  1 C4    A DG 3  ? ? C5    A DG 3  ? ? C6    A DG 3  ? ? 114.07 118.80 -4.73  0.60 N 
18  1 C4    A DG 3  ? ? C5    A DG 3  ? ? N7    A DG 3  ? ? 107.00 110.80 -3.80  0.40 N 
19  1 N7    A DG 3  ? ? C8    A DG 3  ? ? N9    A DG 3  ? ? 109.54 113.10 -3.56  0.50 N 
20  1 N9    A DG 3  ? ? C4    A DG 3  ? ? C5    A DG 3  ? ? 109.17 105.40 3.77   0.40 N 
21  1 N3    A DG 3  ? ? C4    A DG 3  ? ? N9    A DG 3  ? ? 119.60 126.00 -6.40  0.60 N 
22  1 C6    A DG 3  ? ? C5    A DG 3  ? ? N7    A DG 3  ? ? 138.88 130.40 8.48   0.60 N 
23  1 N1    A DG 3  ? ? C6    A DG 3  ? ? O6    A DG 3  ? ? 113.51 119.90 -6.39  0.60 N 
24  1 C5    A DG 3  ? ? C6    A DG 3  ? ? O6    A DG 3  ? ? 134.72 128.60 6.12   0.60 N 
25  1 C8    A DG 3  ? ? N9    A DG 3  ? ? "C1'" A DG 3  ? ? 141.10 127.00 14.10  1.30 N 
26  1 C4    A DG 3  ? ? N9    A DG 3  ? ? "C1'" A DG 3  ? ? 111.62 126.50 -14.88 1.30 N 
27  1 "C5'" A DC 4  ? ? "C4'" A DC 4  ? ? "O4'" A DC 4  ? ? 91.19  109.30 -18.11 1.90 N 
28  1 "C1'" A DC 4  ? ? "O4'" A DC 4  ? ? "C4'" A DC 4  ? ? 115.15 110.30 4.85   0.70 N 
29  1 "O4'" A DC 4  ? ? "C1'" A DC 4  ? ? "C2'" A DC 4  ? ? 94.97  105.90 -10.93 0.80 N 
30  1 "O4'" A DC 4  ? ? "C1'" A DC 4  ? ? N1    A DC 4  ? ? 110.23 108.30 1.93   0.30 N 
31  1 C6    A DC 4  ? ? N1    A DC 4  ? ? C2    A DC 4  ? ? 113.97 120.30 -6.33  0.40 N 
32  1 C2    A DC 4  ? ? N3    A DC 4  ? ? C4    A DC 4  ? ? 126.29 119.90 6.39   0.50 N 
33  1 N3    A DC 4  ? ? C4    A DC 4  ? ? C5    A DC 4  ? ? 117.44 121.90 -4.46  0.40 N 
34  1 C5    A DC 4  ? ? C6    A DC 4  ? ? N1    A DC 4  ? ? 128.86 121.00 7.86   0.50 N 
35  1 N3    A DC 4  ? ? C4    A DC 4  ? ? N4    A DC 4  ? ? 122.78 118.00 4.78   0.70 N 
36  1 C2    A DC 4  ? ? N1    A DC 4  ? ? "C1'" A DC 4  ? ? 130.34 118.80 11.54  1.10 N 
37  1 "C1'" A DT 5  ? ? "O4'" A DT 5  ? ? "C4'" A DT 5  ? ? 102.65 110.10 -7.45  1.00 N 
38  1 "C4'" A DT 5  ? ? "C3'" A DT 5  ? ? "C2'" A DT 5  ? ? 97.65  102.20 -4.55  0.70 N 
39  1 "C3'" A DT 5  ? ? "C2'" A DT 5  ? ? "C1'" A DT 5  ? ? 94.91  102.40 -7.49  0.80 N 
40  1 "O4'" A DT 5  ? ? "C1'" A DT 5  ? ? N1    A DT 5  ? ? 114.08 108.30 5.78   0.30 N 
41  1 N3    A DT 5  ? ? C2    A DT 5  ? ? O2    A DT 5  ? ? 126.75 122.30 4.45   0.60 N 
42  1 N3    A DT 5  ? ? C4    A DT 5  ? ? O4    A DT 5  ? ? 127.19 119.90 7.29   0.60 N 
43  1 C5    A DT 5  ? ? C4    A DT 5  ? ? O4    A DT 5  ? ? 116.72 124.90 -8.18  0.70 N 
44  1 "C3'" A DT 5  ? ? "O3'" A DT 5  ? ? P     A DA 6  ? ? 108.31 119.70 -11.39 1.20 Y 
45  1 C6    A DA 6  ? ? N1    A DA 6  ? ? C2    A DA 6  ? ? 123.18 118.60 4.58   0.60 N 
46  1 C2    A DA 6  ? ? N3    A DA 6  ? ? C4    A DA 6  ? ? 107.16 110.60 -3.44  0.50 N 
47  1 C5    A DA 6  ? ? C6    A DA 6  ? ? N1    A DA 6  ? ? 113.04 117.70 -4.66  0.50 N 
48  1 C4    A DA 6  ? ? C5    A DA 6  ? ? N7    A DA 6  ? ? 116.92 110.70 6.22   0.50 N 
49  1 C5    A DA 6  ? ? N7    A DA 6  ? ? C8    A DA 6  ? ? 96.74  103.90 -7.16  0.50 N 
50  1 N7    A DA 6  ? ? C8    A DA 6  ? ? N9    A DA 6  ? ? 120.56 113.80 6.76   0.50 N 
51  1 C8    A DA 6  ? ? N9    A DA 6  ? ? C4    A DA 6  ? ? 103.15 105.80 -2.65  0.40 N 
52  1 N9    A DA 6  ? ? C4    A DA 6  ? ? C5    A DA 6  ? ? 102.60 105.80 -3.20  0.40 N 
53  1 C6    A DA 6  ? ? C5    A DA 6  ? ? N7    A DA 6  ? ? 123.54 132.30 -8.76  0.70 N 
54  1 N1    A DA 6  ? ? C6    A DA 6  ? ? N6    A DA 6  ? ? 128.64 118.60 10.04  0.60 N 
55  1 C5    A DA 6  ? ? C6    A DA 6  ? ? N6    A DA 6  ? ? 118.32 123.70 -5.38  0.80 N 
56  1 "C3'" A DA 6  ? ? "O3'" A DA 6  ? ? P     A DG 7  ? ? 110.77 119.70 -8.93  1.20 Y 
57  1 "O4'" A DG 7  ? ? "C4'" A DG 7  ? ? "C3'" A DG 7  ? ? 97.84  104.50 -6.66  0.40 N 
58  1 "C5'" A DG 7  ? ? "C4'" A DG 7  ? ? "C3'" A DG 7  ? ? 101.74 114.10 -12.36 1.80 N 
59  1 N9    A DG 7  ? ? "C1'" A DG 7  ? ? "C2'" A DG 7  ? ? 125.84 114.30 11.54  1.40 N 
60  1 "O4'" A DG 7  ? ? "C1'" A DG 7  ? ? N9    A DG 7  ? ? 98.78  108.00 -9.22  0.70 N 
61  1 C2    A DG 7  ? ? N3    A DG 7  ? ? C4    A DG 7  ? ? 116.14 111.90 4.24   0.50 N 
62  1 C4    A DG 7  ? ? C5    A DG 7  ? ? N7    A DG 7  ? ? 105.41 110.80 -5.39  0.40 N 
63  1 N9    A DG 7  ? ? C4    A DG 7  ? ? C5    A DG 7  ? ? 110.54 105.40 5.14   0.40 N 
64  1 N3    A DG 7  ? ? C4    A DG 7  ? ? N9    A DG 7  ? ? 121.54 126.00 -4.46  0.60 N 
65  1 C6    A DG 7  ? ? C5    A DG 7  ? ? N7    A DG 7  ? ? 135.96 130.40 5.56   0.60 N 
66  1 N1    A DG 7  ? ? C2    A DG 7  ? ? N2    A DG 7  ? ? 123.68 116.20 7.48   0.90 N 
67  1 N3    A DG 7  ? ? C2    A DG 7  ? ? N2    A DG 7  ? ? 113.87 119.90 -6.03  0.70 N 
68  1 "C3'" A DG 7  ? ? "O3'" A DG 7  ? ? P     A DC 8  ? ? 103.56 119.70 -16.14 1.20 Y 
69  1 "O4'" A DC 8  ? ? "C1'" A DC 8  ? ? N1    A DC 8  ? ? 115.62 108.30 7.32   0.30 N 
70  1 N3    A DC 8  ? ? C4    A DC 8  ? ? N4    A DC 8  ? ? 122.30 118.00 4.30   0.70 N 
71  1 "C3'" A DG 9  ? ? "C2'" A DG 9  ? ? "C1'" A DG 9  ? ? 97.46  102.40 -4.94  0.80 N 
72  1 N7    A DG 9  ? ? C8    A DG 9  ? ? N9    A DG 9  ? ? 109.66 113.10 -3.44  0.50 N 
73  1 C8    A DG 9  ? ? N9    A DG 9  ? ? C4    A DG 9  ? ? 110.01 106.40 3.61   0.40 N 
74  1 N9    A DG 9  ? ? C4    A DG 9  ? ? C5    A DG 9  ? ? 102.89 105.40 -2.51  0.40 N 
75  1 "C1'" A DG 10 ? ? "O4'" A DG 10 ? ? "C4'" A DG 10 ? ? 102.76 110.10 -7.34  1.00 N 
76  1 "C3'" A DG 10 ? ? "C2'" A DG 10 ? ? "C1'" A DG 10 ? ? 96.07  102.40 -6.33  0.80 N 
77  1 "O4'" A DG 10 ? ? "C1'" A DG 10 ? ? N9    A DG 10 ? ? 116.33 108.30 8.03   0.30 N 
78  1 C6    A DG 10 ? ? N1    A DG 10 ? ? C2    A DG 10 ? ? 128.79 125.10 3.69   0.60 N 
79  1 C2    A DG 10 ? ? N3    A DG 10 ? ? C4    A DG 10 ? ? 105.65 111.90 -6.25  0.50 N 
80  1 C4    A DG 10 ? ? C5    A DG 10 ? ? C6    A DG 10 ? ? 123.54 118.80 4.74   0.60 N 
81  1 C5    A DG 10 ? ? C6    A DG 10 ? ? N1    A DG 10 ? ? 105.43 111.50 -6.07  0.50 N 
82  1 C4    A DG 10 ? ? C5    A DG 10 ? ? N7    A DG 10 ? ? 113.59 110.80 2.79   0.40 N 
83  1 C6    A DG 10 ? ? C5    A DG 10 ? ? N7    A DG 10 ? ? 122.85 130.40 -7.55  0.60 N 
84  1 N1    A DG 10 ? ? C6    A DG 10 ? ? O6    A DG 10 ? ? 127.72 119.90 7.82   0.60 N 
85  1 "O4'" B DC 11 ? ? "C1'" B DC 11 ? ? N1    B DC 11 ? ? 114.50 108.30 6.20   0.30 N 
86  1 "C3'" B DC 11 ? ? "O3'" B DC 11 ? ? P     B DC 12 ? ? 127.71 119.70 8.01   1.20 Y 
87  1 "C5'" B DC 12 ? ? "C4'" B DC 12 ? ? "C3'" B DC 12 ? ? 123.74 115.70 8.04   1.20 N 
88  1 N3    B DC 12 ? ? C4    B DC 12 ? ? C5    B DC 12 ? ? 124.94 121.90 3.04   0.40 N 
89  1 C4    B DC 12 ? ? C5    B DC 12 ? ? C6    B DC 12 ? ? 114.16 117.40 -3.24  0.50 N 
90  1 "C3'" B DC 12 ? ? "O3'" B DC 12 ? ? P     B DG 13 ? ? 127.58 119.70 7.88   1.20 Y 
91  1 "O5'" B DG 13 ? ? P     B DG 13 ? ? OP1   B DG 13 ? ? 97.76  105.70 -7.94  0.90 N 
92  1 "C4'" B DG 13 ? ? "C3'" B DG 13 ? ? "C2'" B DG 13 ? ? 93.39  102.20 -8.81  0.70 N 
93  1 "C3'" B DG 13 ? ? "C2'" B DG 13 ? ? "C1'" B DG 13 ? ? 110.25 102.50 7.75   1.20 N 
94  1 "O4'" B DG 13 ? ? "C1'" B DG 13 ? ? "C2'" B DG 13 ? ? 96.78  105.90 -9.12  0.80 N 
95  1 N9    B DG 13 ? ? "C1'" B DG 13 ? ? "C2'" B DG 13 ? ? 127.29 114.30 12.99  1.40 N 
96  1 "O4'" B DG 13 ? ? "C1'" B DG 13 ? ? N9    B DG 13 ? ? 113.02 108.30 4.72   0.30 N 
97  1 C2    B DG 13 ? ? N3    B DG 13 ? ? C4    B DG 13 ? ? 115.45 111.90 3.55   0.50 N 
98  1 C5    B DG 13 ? ? C6    B DG 13 ? ? N1    B DG 13 ? ? 116.30 111.50 4.80   0.50 N 
99  1 N7    B DG 13 ? ? C8    B DG 13 ? ? N9    B DG 13 ? ? 117.59 113.10 4.49   0.50 N 
100 1 C8    B DG 13 ? ? N9    B DG 13 ? ? C4    B DG 13 ? ? 100.22 106.40 -6.18  0.40 N 
101 1 N9    B DG 13 ? ? C4    B DG 13 ? ? C5    B DG 13 ? ? 109.66 105.40 4.26   0.40 N 
102 1 N1    B DG 13 ? ? C6    B DG 13 ? ? O6    B DG 13 ? ? 112.39 119.90 -7.51  0.60 N 
103 1 "C3'" B DG 13 ? ? "O3'" B DG 13 ? ? P     B DC 14 ? ? 128.37 119.70 8.67   1.20 Y 
104 1 "O3'" B DG 13 ? ? P     B DC 14 ? ? "O5'" B DC 14 ? ? 80.50  104.00 -23.50 1.90 Y 
105 1 "O3'" B DG 13 ? ? P     B DC 14 ? ? OP1   B DC 14 ? ? 121.77 110.50 11.27  1.10 Y 
106 1 "O5'" B DC 14 ? ? "C5'" B DC 14 ? ? "C4'" B DC 14 ? ? 103.11 109.40 -6.29  0.80 N 
107 1 "O4'" B DC 14 ? ? "C4'" B DC 14 ? ? "C3'" B DC 14 ? ? 98.62  104.50 -5.88  0.40 N 
108 1 "C3'" B DC 14 ? ? "C2'" B DC 14 ? ? "C1'" B DC 14 ? ? 87.54  102.40 -14.86 0.80 N 
109 1 "O4'" B DC 14 ? ? "C1'" B DC 14 ? ? N1    B DC 14 ? ? 112.51 108.30 4.21   0.30 N 
110 1 C6    B DC 14 ? ? N1    B DC 14 ? ? C2    B DC 14 ? ? 126.08 120.30 5.78   0.40 N 
111 1 N3    B DC 14 ? ? C4    B DC 14 ? ? C5    B DC 14 ? ? 124.38 121.90 2.48   0.40 N 
112 1 C5    B DC 14 ? ? C6    B DC 14 ? ? N1    B DC 14 ? ? 116.39 121.00 -4.61  0.50 N 
113 1 N1    B DT 15 ? ? "C1'" B DT 15 ? ? "C2'" B DT 15 ? ? 125.36 114.30 11.06  1.40 N 
114 1 "O4'" B DT 15 ? ? "C1'" B DT 15 ? ? N1    B DT 15 ? ? 119.28 108.30 10.98  0.30 N 
115 1 C6    B DT 15 ? ? N1    B DT 15 ? ? C2    B DT 15 ? ? 116.29 121.30 -5.01  0.50 N 
116 1 N1    B DT 15 ? ? C2    B DT 15 ? ? N3    B DT 15 ? ? 119.53 114.60 4.93   0.60 N 
117 1 N3    B DT 15 ? ? C2    B DT 15 ? ? O2    B DT 15 ? ? 117.06 122.30 -5.24  0.60 N 
118 1 N3    B DT 15 ? ? C4    B DT 15 ? ? O4    B DT 15 ? ? 124.06 119.90 4.16   0.60 N 
119 1 C4    B DT 15 ? ? C5    B DT 15 ? ? C7    B DT 15 ? ? 113.04 119.00 -5.96  0.60 N 
120 1 "C3'" B DT 15 ? ? "O3'" B DT 15 ? ? P     B DA 16 ? ? 127.95 119.70 8.25   1.20 Y 
121 1 "O3'" B DT 15 ? ? P     B DA 16 ? ? OP1   B DA 16 ? ? 125.74 110.50 15.24  1.10 Y 
122 1 "O5'" B DA 16 ? ? P     B DA 16 ? ? OP1   B DA 16 ? ? 84.68  105.70 -21.02 0.90 N 
123 1 "O5'" B DA 16 ? ? "C5'" B DA 16 ? ? "C4'" B DA 16 ? ? 104.00 109.40 -5.40  0.80 N 
124 1 "C1'" B DA 16 ? ? "O4'" B DA 16 ? ? "C4'" B DA 16 ? ? 114.92 110.30 4.62   0.70 N 
125 1 C6    B DA 16 ? ? N1    B DA 16 ? ? C2    B DA 16 ? ? 114.28 118.60 -4.32  0.60 N 
126 1 N1    B DA 16 ? ? C2    B DA 16 ? ? N3    B DA 16 ? ? 134.51 129.30 5.21   0.50 N 
127 1 C2    B DA 16 ? ? N3    B DA 16 ? ? C4    B DA 16 ? ? 105.11 110.60 -5.49  0.50 N 
128 1 N1    B DA 16 ? ? C6    B DA 16 ? ? N6    B DA 16 ? ? 113.80 118.60 -4.80  0.60 N 
129 1 "O3'" B DA 16 ? ? P     B DG 17 ? ? OP2   B DG 17 ? ? 118.80 110.50 8.30   1.10 Y 
130 1 "O5'" B DG 17 ? ? P     B DG 17 ? ? OP1   B DG 17 ? ? 91.50  105.70 -14.20 0.90 N 
131 1 "O5'" B DG 17 ? ? P     B DG 17 ? ? OP2   B DG 17 ? ? 125.76 110.70 15.06  1.20 N 
132 1 P     B DG 17 ? ? "O5'" B DG 17 ? ? "C5'" B DG 17 ? ? 101.85 120.90 -19.05 1.60 N 
133 1 "C2'" B DG 17 ? ? "C3'" B DG 17 ? ? "O3'" B DG 17 ? ? 93.63  109.40 -15.77 2.50 N 
134 1 N1    B DG 17 ? ? C6    B DG 17 ? ? O6    B DG 17 ? ? 114.08 119.90 -5.82  0.60 N 
135 1 C5    B DG 17 ? ? C6    B DG 17 ? ? O6    B DG 17 ? ? 133.48 128.60 4.88   0.60 N 
136 1 "C3'" B DG 17 ? ? "O3'" B DG 17 ? ? P     B DC 18 ? ? 110.44 119.70 -9.26  1.20 Y 
137 1 "C4'" B DC 18 ? ? "C3'" B DC 18 ? ? "C2'" B DC 18 ? ? 95.37  102.20 -6.83  0.70 N 
138 1 "O4'" B DC 18 ? ? "C1'" B DC 18 ? ? "C2'" B DC 18 ? ? 99.72  105.90 -6.18  0.80 N 
139 1 N1    B DC 18 ? ? "C1'" B DC 18 ? ? "C2'" B DC 18 ? ? 126.96 114.30 12.66  1.40 N 
140 1 "O4'" B DC 18 ? ? "C1'" B DC 18 ? ? N1    B DC 18 ? ? 114.32 108.30 6.02   0.30 N 
141 1 C6    B DC 18 ? ? N1    B DC 18 ? ? C2    B DC 18 ? ? 114.34 120.30 -5.96  0.40 N 
142 1 N3    B DC 18 ? ? C4    B DC 18 ? ? C5    B DC 18 ? ? 119.49 121.90 -2.41  0.40 N 
143 1 C5    B DC 18 ? ? C6    B DC 18 ? ? N1    B DC 18 ? ? 125.78 121.00 4.78   0.50 N 
144 1 "C3'" B DC 18 ? ? "O3'" B DC 18 ? ? P     B DG 19 ? ? 128.23 119.70 8.53   1.20 Y 
145 1 "O3'" B DC 18 ? ? P     B DG 19 ? ? OP2   B DG 19 ? ? 118.44 110.50 7.94   1.10 Y 
146 1 "O5'" B DG 19 ? ? P     B DG 19 ? ? OP1   B DG 19 ? ? 99.42  105.70 -6.28  0.90 N 
147 1 "O5'" B DG 19 ? ? "C5'" B DG 19 ? ? "C4'" B DG 19 ? ? 102.99 109.40 -6.41  0.80 N 
148 1 "O4'" B DG 19 ? ? "C4'" B DG 19 ? ? "C3'" B DG 19 ? ? 100.33 104.50 -4.17  0.40 N 
149 1 "O4'" B DG 19 ? ? "C1'" B DG 19 ? ? "C2'" B DG 19 ? ? 96.89  105.90 -9.01  0.80 N 
150 1 "O4'" B DG 19 ? ? "C1'" B DG 19 ? ? N9    B DG 19 ? ? 89.71  108.00 -18.29 0.70 N 
151 1 C4    B DG 19 ? ? C5    B DG 19 ? ? N7    B DG 19 ? ? 114.70 110.80 3.90   0.40 N 
152 1 C8    B DG 19 ? ? N9    B DG 19 ? ? C4    B DG 19 ? ? 110.48 106.40 4.08   0.40 N 
153 1 N9    B DG 19 ? ? C4    B DG 19 ? ? C5    B DG 19 ? ? 99.87  105.40 -5.53  0.40 N 
154 1 N3    B DG 19 ? ? C4    B DG 19 ? ? N9    B DG 19 ? ? 130.92 126.00 4.92   0.60 N 
155 1 C6    B DG 19 ? ? C5    B DG 19 ? ? N7    B DG 19 ? ? 125.42 130.40 -4.98  0.60 N 
156 1 N1    B DG 19 ? ? C6    B DG 19 ? ? O6    B DG 19 ? ? 127.70 119.90 7.80   0.60 N 
157 1 C5    B DG 19 ? ? C6    B DG 19 ? ? O6    B DG 19 ? ? 121.09 128.60 -7.51  0.60 N 
158 1 C8    B DG 19 ? ? N9    B DG 19 ? ? "C1'" B DG 19 ? ? 117.57 127.00 -9.43  1.30 N 
159 1 "O4'" B DG 20 ? ? "C4'" B DG 20 ? ? "C3'" B DG 20 ? ? 102.00 104.50 -2.50  0.40 N 
160 1 "C1'" B DG 20 ? ? "O4'" B DG 20 ? ? "C4'" B DG 20 ? ? 115.04 110.30 4.74   0.70 N 
161 1 "O4'" B DG 20 ? ? "C1'" B DG 20 ? ? "C2'" B DG 20 ? ? 98.61  105.90 -7.29  0.80 N 
162 1 N1    B DG 20 ? ? C6    B DG 20 ? ? O6    B DG 20 ? ? 115.62 119.90 -4.28  0.60 N 
163 1 C5    B DG 20 ? ? C6    B DG 20 ? ? O6    B DG 20 ? ? 133.11 128.60 4.51   0.60 N 
# 
loop_
_chem_comp_atom.comp_id 
_chem_comp_atom.atom_id 
_chem_comp_atom.type_symbol 
_chem_comp_atom.pdbx_aromatic_flag 
_chem_comp_atom.pdbx_stereo_config 
_chem_comp_atom.pdbx_ordinal 
DA  OP3    O N N 1   
DA  P      P N N 2   
DA  OP1    O N N 3   
DA  OP2    O N N 4   
DA  "O5'"  O N N 5   
DA  "C5'"  C N N 6   
DA  "C4'"  C N R 7   
DA  "O4'"  O N N 8   
DA  "C3'"  C N S 9   
DA  "O3'"  O N N 10  
DA  "C2'"  C N N 11  
DA  "C1'"  C N R 12  
DA  N9     N Y N 13  
DA  C8     C Y N 14  
DA  N7     N Y N 15  
DA  C5     C Y N 16  
DA  C6     C Y N 17  
DA  N6     N N N 18  
DA  N1     N Y N 19  
DA  C2     C Y N 20  
DA  N3     N Y N 21  
DA  C4     C Y N 22  
DA  HOP3   H N N 23  
DA  HOP2   H N N 24  
DA  "H5'"  H N N 25  
DA  "H5''" H N N 26  
DA  "H4'"  H N N 27  
DA  "H3'"  H N N 28  
DA  "HO3'" H N N 29  
DA  "H2'"  H N N 30  
DA  "H2''" H N N 31  
DA  "H1'"  H N N 32  
DA  H8     H N N 33  
DA  H61    H N N 34  
DA  H62    H N N 35  
DA  H2     H N N 36  
DC  OP3    O N N 37  
DC  P      P N N 38  
DC  OP1    O N N 39  
DC  OP2    O N N 40  
DC  "O5'"  O N N 41  
DC  "C5'"  C N N 42  
DC  "C4'"  C N R 43  
DC  "O4'"  O N N 44  
DC  "C3'"  C N S 45  
DC  "O3'"  O N N 46  
DC  "C2'"  C N N 47  
DC  "C1'"  C N R 48  
DC  N1     N N N 49  
DC  C2     C N N 50  
DC  O2     O N N 51  
DC  N3     N N N 52  
DC  C4     C N N 53  
DC  N4     N N N 54  
DC  C5     C N N 55  
DC  C6     C N N 56  
DC  HOP3   H N N 57  
DC  HOP2   H N N 58  
DC  "H5'"  H N N 59  
DC  "H5''" H N N 60  
DC  "H4'"  H N N 61  
DC  "H3'"  H N N 62  
DC  "HO3'" H N N 63  
DC  "H2'"  H N N 64  
DC  "H2''" H N N 65  
DC  "H1'"  H N N 66  
DC  H41    H N N 67  
DC  H42    H N N 68  
DC  H5     H N N 69  
DC  H6     H N N 70  
DG  OP3    O N N 71  
DG  P      P N N 72  
DG  OP1    O N N 73  
DG  OP2    O N N 74  
DG  "O5'"  O N N 75  
DG  "C5'"  C N N 76  
DG  "C4'"  C N R 77  
DG  "O4'"  O N N 78  
DG  "C3'"  C N S 79  
DG  "O3'"  O N N 80  
DG  "C2'"  C N N 81  
DG  "C1'"  C N R 82  
DG  N9     N Y N 83  
DG  C8     C Y N 84  
DG  N7     N Y N 85  
DG  C5     C Y N 86  
DG  C6     C N N 87  
DG  O6     O N N 88  
DG  N1     N N N 89  
DG  C2     C N N 90  
DG  N2     N N N 91  
DG  N3     N N N 92  
DG  C4     C Y N 93  
DG  HOP3   H N N 94  
DG  HOP2   H N N 95  
DG  "H5'"  H N N 96  
DG  "H5''" H N N 97  
DG  "H4'"  H N N 98  
DG  "H3'"  H N N 99  
DG  "HO3'" H N N 100 
DG  "H2'"  H N N 101 
DG  "H2''" H N N 102 
DG  "H1'"  H N N 103 
DG  H8     H N N 104 
DG  H1     H N N 105 
DG  H21    H N N 106 
DG  H22    H N N 107 
DT  OP3    O N N 108 
DT  P      P N N 109 
DT  OP1    O N N 110 
DT  OP2    O N N 111 
DT  "O5'"  O N N 112 
DT  "C5'"  C N N 113 
DT  "C4'"  C N R 114 
DT  "O4'"  O N N 115 
DT  "C3'"  C N S 116 
DT  "O3'"  O N N 117 
DT  "C2'"  C N N 118 
DT  "C1'"  C N R 119 
DT  N1     N N N 120 
DT  C2     C N N 121 
DT  O2     O N N 122 
DT  N3     N N N 123 
DT  C4     C N N 124 
DT  O4     O N N 125 
DT  C5     C N N 126 
DT  C7     C N N 127 
DT  C6     C N N 128 
DT  HOP3   H N N 129 
DT  HOP2   H N N 130 
DT  "H5'"  H N N 131 
DT  "H5''" H N N 132 
DT  "H4'"  H N N 133 
DT  "H3'"  H N N 134 
DT  "HO3'" H N N 135 
DT  "H2'"  H N N 136 
DT  "H2''" H N N 137 
DT  "H1'"  H N N 138 
DT  H3     H N N 139 
DT  H71    H N N 140 
DT  H72    H N N 141 
DT  H73    H N N 142 
DT  H6     H N N 143 
HOH O      O N N 144 
HOH H1     H N N 145 
HOH H2     H N N 146 
# 
loop_
_chem_comp_bond.comp_id 
_chem_comp_bond.atom_id_1 
_chem_comp_bond.atom_id_2 
_chem_comp_bond.value_order 
_chem_comp_bond.pdbx_aromatic_flag 
_chem_comp_bond.pdbx_stereo_config 
_chem_comp_bond.pdbx_ordinal 
DA  OP3   P      sing N N 1   
DA  OP3   HOP3   sing N N 2   
DA  P     OP1    doub N N 3   
DA  P     OP2    sing N N 4   
DA  P     "O5'"  sing N N 5   
DA  OP2   HOP2   sing N N 6   
DA  "O5'" "C5'"  sing N N 7   
DA  "C5'" "C4'"  sing N N 8   
DA  "C5'" "H5'"  sing N N 9   
DA  "C5'" "H5''" sing N N 10  
DA  "C4'" "O4'"  sing N N 11  
DA  "C4'" "C3'"  sing N N 12  
DA  "C4'" "H4'"  sing N N 13  
DA  "O4'" "C1'"  sing N N 14  
DA  "C3'" "O3'"  sing N N 15  
DA  "C3'" "C2'"  sing N N 16  
DA  "C3'" "H3'"  sing N N 17  
DA  "O3'" "HO3'" sing N N 18  
DA  "C2'" "C1'"  sing N N 19  
DA  "C2'" "H2'"  sing N N 20  
DA  "C2'" "H2''" sing N N 21  
DA  "C1'" N9     sing N N 22  
DA  "C1'" "H1'"  sing N N 23  
DA  N9    C8     sing Y N 24  
DA  N9    C4     sing Y N 25  
DA  C8    N7     doub Y N 26  
DA  C8    H8     sing N N 27  
DA  N7    C5     sing Y N 28  
DA  C5    C6     sing Y N 29  
DA  C5    C4     doub Y N 30  
DA  C6    N6     sing N N 31  
DA  C6    N1     doub Y N 32  
DA  N6    H61    sing N N 33  
DA  N6    H62    sing N N 34  
DA  N1    C2     sing Y N 35  
DA  C2    N3     doub Y N 36  
DA  C2    H2     sing N N 37  
DA  N3    C4     sing Y N 38  
DC  OP3   P      sing N N 39  
DC  OP3   HOP3   sing N N 40  
DC  P     OP1    doub N N 41  
DC  P     OP2    sing N N 42  
DC  P     "O5'"  sing N N 43  
DC  OP2   HOP2   sing N N 44  
DC  "O5'" "C5'"  sing N N 45  
DC  "C5'" "C4'"  sing N N 46  
DC  "C5'" "H5'"  sing N N 47  
DC  "C5'" "H5''" sing N N 48  
DC  "C4'" "O4'"  sing N N 49  
DC  "C4'" "C3'"  sing N N 50  
DC  "C4'" "H4'"  sing N N 51  
DC  "O4'" "C1'"  sing N N 52  
DC  "C3'" "O3'"  sing N N 53  
DC  "C3'" "C2'"  sing N N 54  
DC  "C3'" "H3'"  sing N N 55  
DC  "O3'" "HO3'" sing N N 56  
DC  "C2'" "C1'"  sing N N 57  
DC  "C2'" "H2'"  sing N N 58  
DC  "C2'" "H2''" sing N N 59  
DC  "C1'" N1     sing N N 60  
DC  "C1'" "H1'"  sing N N 61  
DC  N1    C2     sing N N 62  
DC  N1    C6     sing N N 63  
DC  C2    O2     doub N N 64  
DC  C2    N3     sing N N 65  
DC  N3    C4     doub N N 66  
DC  C4    N4     sing N N 67  
DC  C4    C5     sing N N 68  
DC  N4    H41    sing N N 69  
DC  N4    H42    sing N N 70  
DC  C5    C6     doub N N 71  
DC  C5    H5     sing N N 72  
DC  C6    H6     sing N N 73  
DG  OP3   P      sing N N 74  
DG  OP3   HOP3   sing N N 75  
DG  P     OP1    doub N N 76  
DG  P     OP2    sing N N 77  
DG  P     "O5'"  sing N N 78  
DG  OP2   HOP2   sing N N 79  
DG  "O5'" "C5'"  sing N N 80  
DG  "C5'" "C4'"  sing N N 81  
DG  "C5'" "H5'"  sing N N 82  
DG  "C5'" "H5''" sing N N 83  
DG  "C4'" "O4'"  sing N N 84  
DG  "C4'" "C3'"  sing N N 85  
DG  "C4'" "H4'"  sing N N 86  
DG  "O4'" "C1'"  sing N N 87  
DG  "C3'" "O3'"  sing N N 88  
DG  "C3'" "C2'"  sing N N 89  
DG  "C3'" "H3'"  sing N N 90  
DG  "O3'" "HO3'" sing N N 91  
DG  "C2'" "C1'"  sing N N 92  
DG  "C2'" "H2'"  sing N N 93  
DG  "C2'" "H2''" sing N N 94  
DG  "C1'" N9     sing N N 95  
DG  "C1'" "H1'"  sing N N 96  
DG  N9    C8     sing Y N 97  
DG  N9    C4     sing Y N 98  
DG  C8    N7     doub Y N 99  
DG  C8    H8     sing N N 100 
DG  N7    C5     sing Y N 101 
DG  C5    C6     sing N N 102 
DG  C5    C4     doub Y N 103 
DG  C6    O6     doub N N 104 
DG  C6    N1     sing N N 105 
DG  N1    C2     sing N N 106 
DG  N1    H1     sing N N 107 
DG  C2    N2     sing N N 108 
DG  C2    N3     doub N N 109 
DG  N2    H21    sing N N 110 
DG  N2    H22    sing N N 111 
DG  N3    C4     sing N N 112 
DT  OP3   P      sing N N 113 
DT  OP3   HOP3   sing N N 114 
DT  P     OP1    doub N N 115 
DT  P     OP2    sing N N 116 
DT  P     "O5'"  sing N N 117 
DT  OP2   HOP2   sing N N 118 
DT  "O5'" "C5'"  sing N N 119 
DT  "C5'" "C4'"  sing N N 120 
DT  "C5'" "H5'"  sing N N 121 
DT  "C5'" "H5''" sing N N 122 
DT  "C4'" "O4'"  sing N N 123 
DT  "C4'" "C3'"  sing N N 124 
DT  "C4'" "H4'"  sing N N 125 
DT  "O4'" "C1'"  sing N N 126 
DT  "C3'" "O3'"  sing N N 127 
DT  "C3'" "C2'"  sing N N 128 
DT  "C3'" "H3'"  sing N N 129 
DT  "O3'" "HO3'" sing N N 130 
DT  "C2'" "C1'"  sing N N 131 
DT  "C2'" "H2'"  sing N N 132 
DT  "C2'" "H2''" sing N N 133 
DT  "C1'" N1     sing N N 134 
DT  "C1'" "H1'"  sing N N 135 
DT  N1    C2     sing N N 136 
DT  N1    C6     sing N N 137 
DT  C2    O2     doub N N 138 
DT  C2    N3     sing N N 139 
DT  N3    C4     sing N N 140 
DT  N3    H3     sing N N 141 
DT  C4    O4     doub N N 142 
DT  C4    C5     sing N N 143 
DT  C5    C7     sing N N 144 
DT  C5    C6     doub N N 145 
DT  C7    H71    sing N N 146 
DT  C7    H72    sing N N 147 
DT  C7    H73    sing N N 148 
DT  C6    H6     sing N N 149 
HOH O     H1     sing N N 150 
HOH O     H2     sing N N 151 
# 
_ndb_struct_conf_na.entry_id   1ZFM 
_ndb_struct_conf_na.feature    'b-form double helix' 
# 
loop_
_ndb_struct_na_base_pair.model_number 
_ndb_struct_na_base_pair.i_label_asym_id 
_ndb_struct_na_base_pair.i_label_comp_id 
_ndb_struct_na_base_pair.i_label_seq_id 
_ndb_struct_na_base_pair.i_symmetry 
_ndb_struct_na_base_pair.j_label_asym_id 
_ndb_struct_na_base_pair.j_label_comp_id 
_ndb_struct_na_base_pair.j_label_seq_id 
_ndb_struct_na_base_pair.j_symmetry 
_ndb_struct_na_base_pair.shear 
_ndb_struct_na_base_pair.stretch 
_ndb_struct_na_base_pair.stagger 
_ndb_struct_na_base_pair.buckle 
_ndb_struct_na_base_pair.propeller 
_ndb_struct_na_base_pair.opening 
_ndb_struct_na_base_pair.pair_number 
_ndb_struct_na_base_pair.pair_name 
_ndb_struct_na_base_pair.i_auth_asym_id 
_ndb_struct_na_base_pair.i_auth_seq_id 
_ndb_struct_na_base_pair.i_PDB_ins_code 
_ndb_struct_na_base_pair.j_auth_asym_id 
_ndb_struct_na_base_pair.j_auth_seq_id 
_ndb_struct_na_base_pair.j_PDB_ins_code 
_ndb_struct_na_base_pair.hbond_type_28 
_ndb_struct_na_base_pair.hbond_type_12 
1 A DC 1  1_555 B DG 10 1_555 -1.047 -0.559 -0.040 -1.134  -14.305 -3.549  1  A_DC1:DG20_B  A 1  ? B 20 ? 19 1 
1 A DC 2  1_555 B DG 9  1_555 1.001  -0.878 -0.184 -0.383  -7.146  3.013   2  A_DC2:DG19_B  A 2  ? B 19 ? 19 1 
1 A DG 3  1_555 B DC 8  1_555 0.102  -0.285 -0.119 -2.065  -13.733 -9.784  3  A_DG3:DC18_B  A 3  ? B 18 ? ?  1 
1 A DC 4  1_555 B DG 7  1_555 -0.700 -0.670 0.636  -21.724 -1.593  -9.112  4  A_DC4:DG17_B  A 4  ? B 17 ? ?  1 
1 A DT 5  1_555 B DA 6  1_555 -0.600 -0.483 -0.643 -2.687  -27.471 -8.807  5  A_DT5:DA16_B  A 5  ? B 16 ? 20 1 
1 A DA 6  1_555 B DT 5  1_555 -1.004 -0.124 0.029  -10.529 -23.602 -6.952  6  A_DA6:DT15_B  A 6  ? B 15 ? 20 1 
1 A DG 7  1_555 B DC 4  1_555 2.029  0.073  0.178  2.932   -10.722 -15.242 7  A_DG7:DC14_B  A 7  ? B 14 ? ?  1 
1 A DC 8  1_555 B DG 3  1_555 0.868  -0.631 0.492  -3.577  -18.490 -11.138 8  A_DC8:DG13_B  A 8  ? B 13 ? 19 1 
1 A DG 9  1_555 B DC 2  1_555 1.578  -0.721 0.439  2.885   -7.496  -5.800  9  A_DG9:DC12_B  A 9  ? B 12 ? 19 1 
1 A DG 10 1_555 B DC 1  1_555 -0.014 -0.152 0.405  8.713   -18.896 -15.681 10 A_DG10:DC11_B A 10 ? B 11 ? ?  ? 
# 
loop_
_ndb_struct_na_base_pair_step.model_number 
_ndb_struct_na_base_pair_step.i_label_asym_id_1 
_ndb_struct_na_base_pair_step.i_label_comp_id_1 
_ndb_struct_na_base_pair_step.i_label_seq_id_1 
_ndb_struct_na_base_pair_step.i_symmetry_1 
_ndb_struct_na_base_pair_step.j_label_asym_id_1 
_ndb_struct_na_base_pair_step.j_label_comp_id_1 
_ndb_struct_na_base_pair_step.j_label_seq_id_1 
_ndb_struct_na_base_pair_step.j_symmetry_1 
_ndb_struct_na_base_pair_step.i_label_asym_id_2 
_ndb_struct_na_base_pair_step.i_label_comp_id_2 
_ndb_struct_na_base_pair_step.i_label_seq_id_2 
_ndb_struct_na_base_pair_step.i_symmetry_2 
_ndb_struct_na_base_pair_step.j_label_asym_id_2 
_ndb_struct_na_base_pair_step.j_label_comp_id_2 
_ndb_struct_na_base_pair_step.j_label_seq_id_2 
_ndb_struct_na_base_pair_step.j_symmetry_2 
_ndb_struct_na_base_pair_step.shift 
_ndb_struct_na_base_pair_step.slide 
_ndb_struct_na_base_pair_step.rise 
_ndb_struct_na_base_pair_step.tilt 
_ndb_struct_na_base_pair_step.roll 
_ndb_struct_na_base_pair_step.twist 
_ndb_struct_na_base_pair_step.x_displacement 
_ndb_struct_na_base_pair_step.y_displacement 
_ndb_struct_na_base_pair_step.helical_rise 
_ndb_struct_na_base_pair_step.inclination 
_ndb_struct_na_base_pair_step.tip 
_ndb_struct_na_base_pair_step.helical_twist 
_ndb_struct_na_base_pair_step.step_number 
_ndb_struct_na_base_pair_step.step_name 
_ndb_struct_na_base_pair_step.i_auth_asym_id_1 
_ndb_struct_na_base_pair_step.i_auth_seq_id_1 
_ndb_struct_na_base_pair_step.i_PDB_ins_code_1 
_ndb_struct_na_base_pair_step.j_auth_asym_id_1 
_ndb_struct_na_base_pair_step.j_auth_seq_id_1 
_ndb_struct_na_base_pair_step.j_PDB_ins_code_1 
_ndb_struct_na_base_pair_step.i_auth_asym_id_2 
_ndb_struct_na_base_pair_step.i_auth_seq_id_2 
_ndb_struct_na_base_pair_step.i_PDB_ins_code_2 
_ndb_struct_na_base_pair_step.j_auth_asym_id_2 
_ndb_struct_na_base_pair_step.j_auth_seq_id_2 
_ndb_struct_na_base_pair_step.j_PDB_ins_code_2 
1 A DC 1 1_555 B DG 10 1_555 A DC 2  1_555 B DG 9 1_555 0.089  2.082  3.885 2.916  0.231  46.576 2.605  0.177  3.893 0.292   
-3.683  46.662 1 AA_DC1DC2:DG19DG20_BB  A 1 ? B 20 ? A 2  ? B 19 ? 
1 A DC 2 1_555 B DG 9  1_555 A DG 3  1_555 B DC 8 1_555 -0.557 2.552  3.444 -0.865 -2.612 34.681 4.677  0.796  3.262 -4.373  1.449 
34.787 2 AA_DC2DG3:DC18DG19_BB  A 2 ? B 19 ? A 3  ? B 18 ? 
1 A DG 3 1_555 B DC 8  1_555 A DC 4  1_555 B DG 7 1_555 -0.463 -0.645 3.557 -7.939 7.746  37.905 -1.949 -0.331 3.392 11.623  
11.914  39.437 3 AA_DG3DC4:DG17DC18_BB  A 3 ? B 18 ? A 4  ? B 17 ? 
1 A DC 4 1_555 B DG 7  1_555 A DT 5  1_555 B DA 6 1_555 -0.461 -0.026 2.728 10.353 -3.001 30.504 0.386  2.321  2.437 -5.493  
-18.950 32.310 4 AA_DC4DT5:DA16DG17_BB  A 4 ? B 17 ? A 5  ? B 16 ? 
1 A DT 5 1_555 B DA 6  1_555 A DA 6  1_555 B DT 5 1_555 0.626  1.916  3.411 -4.702 -0.944 48.720 2.386  -1.122 3.306 -1.141  5.684 
48.941 5 AA_DT5DA6:DT15DA16_BB  A 5 ? B 16 ? A 6  ? B 15 ? 
1 A DA 6 1_555 B DT 5  1_555 A DG 7  1_555 B DC 4 1_555 -0.242 0.130  3.287 0.281  1.367  37.645 0.023  0.412  3.287 2.117   
-0.436  37.670 6 AA_DA6DG7:DC14DT15_BB  A 6 ? B 15 ? A 7  ? B 14 ? 
1 A DG 7 1_555 B DC 4  1_555 A DC 8  1_555 B DG 3 1_555 0.255  0.506  3.093 3.439  -7.070 33.941 1.852  0.063  2.943 -11.913 
-5.794  34.813 7 AA_DG7DC8:DG13DC14_BB  A 7 ? B 14 ? A 8  ? B 13 ? 
1 A DC 8 1_555 B DG 3  1_555 A DG 9  1_555 B DC 2 1_555 0.521  0.755  3.295 5.634  0.380  38.391 1.090  -0.082 3.342 0.575   
-8.511  38.789 8 AA_DC8DG9:DC12DG13_BB  A 8 ? B 13 ? A 9  ? B 12 ? 
1 A DG 9 1_555 B DC 2  1_555 A DG 10 1_555 B DC 1 1_555 0.153  0.464  3.703 -2.946 17.113 31.214 -2.162 -0.752 3.463 29.150  5.018 
35.614 9 AA_DG9DG10:DC11DC12_BB A 9 ? B 12 ? A 10 ? B 11 ? 
# 
_pdbx_initial_refinement_model.accession_code   1DCV 
_pdbx_initial_refinement_model.id               1 
_pdbx_initial_refinement_model.entity_id_list   ? 
_pdbx_initial_refinement_model.type             'experimental model' 
_pdbx_initial_refinement_model.source_name      PDB 
_pdbx_initial_refinement_model.details          'NDB ENTRY BD0028' 
# 
_atom_sites.entry_id                    1ZFM 
_atom_sites.fract_transf_matrix[1][1]   0.00171475 
_atom_sites.fract_transf_matrix[1][2]   -0.01545018 
_atom_sites.fract_transf_matrix[1][3]   -0.01015562 
_atom_sites.fract_transf_matrix[2][1]   0.03400520 
_atom_sites.fract_transf_matrix[2][2]   -0.00997137 
_atom_sites.fract_transf_matrix[2][3]   0.02091157 
_atom_sites.fract_transf_matrix[3][1]   -0.01229282 
_atom_sites.fract_transf_matrix[3][2]   -0.02550346 
_atom_sites.fract_transf_matrix[3][3]   0.00782893 
_atom_sites.fract_transf_vector[1]      0.017554 
_atom_sites.fract_transf_vector[2]      -0.014760 
_atom_sites.fract_transf_vector[3]      0.248734 
# 
loop_
_atom_type.symbol 
C 
N 
O 
P 
# 
loop_
_atom_site.group_PDB 
_atom_site.id 
_atom_site.type_symbol 
_atom_site.label_atom_id 
_atom_site.label_alt_id 
_atom_site.label_comp_id 
_atom_site.label_asym_id 
_atom_site.label_entity_id 
_atom_site.label_seq_id 
_atom_site.pdbx_PDB_ins_code 
_atom_site.Cartn_x 
_atom_site.Cartn_y 
_atom_site.Cartn_z 
_atom_site.occupancy 
_atom_site.B_iso_or_equiv 
_atom_site.pdbx_formal_charge 
_atom_site.auth_seq_id 
_atom_site.auth_comp_id 
_atom_site.auth_asym_id 
_atom_site.auth_atom_id 
_atom_site.pdbx_PDB_model_num 
ATOM   1   O "O5'" . DC  A 1 1  ? 6.069   0.173   -19.212 1.00 44.32 ? 1  DC  A "O5'" 1 
ATOM   2   C "C5'" . DC  A 1 1  ? 5.045   -0.886  -19.105 1.00 41.27 ? 1  DC  A "C5'" 1 
ATOM   3   C "C4'" . DC  A 1 1  ? 4.117   -0.811  -17.860 1.00 37.77 ? 1  DC  A "C4'" 1 
ATOM   4   O "O4'" . DC  A 1 1  ? 4.130   -2.061  -17.083 1.00 31.75 ? 1  DC  A "O4'" 1 
ATOM   5   C "C3'" . DC  A 1 1  ? 4.312   0.292   -16.789 1.00 34.33 ? 1  DC  A "C3'" 1 
ATOM   6   O "O3'" . DC  A 1 1  ? 3.104   0.910   -16.339 1.00 28.33 ? 1  DC  A "O3'" 1 
ATOM   7   C "C2'" . DC  A 1 1  ? 4.589   -0.590  -15.557 1.00 33.20 ? 1  DC  A "C2'" 1 
ATOM   8   C "C1'" . DC  A 1 1  ? 3.514   -1.618  -15.902 1.00 29.29 ? 1  DC  A "C1'" 1 
ATOM   9   N N1    . DC  A 1 1  ? 3.415   -2.828  -15.301 1.00 27.51 ? 1  DC  A N1    1 
ATOM   10  C C2    . DC  A 1 1  ? 2.198   -3.485  -15.181 1.00 25.00 ? 1  DC  A C2    1 
ATOM   11  O O2    . DC  A 1 1  ? 1.117   -3.008  -15.482 1.00 24.99 ? 1  DC  A O2    1 
ATOM   12  N N3    . DC  A 1 1  ? 2.250   -4.711  -14.653 1.00 31.11 ? 1  DC  A N3    1 
ATOM   13  C C4    . DC  A 1 1  ? 3.450   -5.293  -14.319 1.00 32.26 ? 1  DC  A C4    1 
ATOM   14  N N4    . DC  A 1 1  ? 3.456   -6.559  -13.831 1.00 30.60 ? 1  DC  A N4    1 
ATOM   15  C C5    . DC  A 1 1  ? 4.705   -4.616  -14.480 1.00 29.44 ? 1  DC  A C5    1 
ATOM   16  C C6    . DC  A 1 1  ? 4.620   -3.383  -14.984 1.00 28.11 ? 1  DC  A C6    1 
ATOM   17  P P     . DC  A 1 2  ? 2.520   2.398   -16.270 1.00 27.05 ? 2  DC  A P     1 
ATOM   18  O OP1   . DC  A 1 2  ? 1.988   3.088   -17.483 1.00 23.51 ? 2  DC  A OP1   1 
ATOM   19  O OP2   . DC  A 1 2  ? 3.714   2.915   -15.505 1.00 18.35 ? 2  DC  A OP2   1 
ATOM   20  O "O5'" . DC  A 1 2  ? 1.262   1.994   -15.375 1.00 18.88 ? 2  DC  A "O5'" 1 
ATOM   21  C "C5'" . DC  A 1 2  ? -0.118  2.023   -15.746 1.00 20.12 ? 2  DC  A "C5'" 1 
ATOM   22  C "C4'" . DC  A 1 2  ? -0.764  1.698   -14.406 1.00 22.12 ? 2  DC  A "C4'" 1 
ATOM   23  O "O4'" . DC  A 1 2  ? 0.003   0.666   -13.688 1.00 22.21 ? 2  DC  A "O4'" 1 
ATOM   24  C "C3'" . DC  A 1 2  ? -0.782  2.766   -13.291 1.00 24.42 ? 2  DC  A "C3'" 1 
ATOM   25  O "O3'" . DC  A 1 2  ? -2.022  2.645   -12.543 1.00 29.94 ? 2  DC  A "O3'" 1 
ATOM   26  C "C2'" . DC  A 1 2  ? 0.434   2.482   -12.368 1.00 17.73 ? 2  DC  A "C2'" 1 
ATOM   27  C "C1'" . DC  A 1 2  ? 0.302   0.960   -12.291 1.00 12.06 ? 2  DC  A "C1'" 1 
ATOM   28  N N1    . DC  A 1 2  ? 1.469   0.082   -11.878 1.00 4.20  ? 2  DC  A N1    1 
ATOM   29  C C2    . DC  A 1 2  ? 1.262   -1.250  -11.577 1.00 5.21  ? 2  DC  A C2    1 
ATOM   30  O O2    . DC  A 1 2  ? 0.128   -1.719  -11.574 1.00 5.07  ? 2  DC  A O2    1 
ATOM   31  N N3    . DC  A 1 2  ? 2.300   -2.051  -11.274 1.00 7.14  ? 2  DC  A N3    1 
ATOM   32  C C4    . DC  A 1 2  ? 3.522   -1.551  -11.292 1.00 8.42  ? 2  DC  A C4    1 
ATOM   33  N N4    . DC  A 1 2  ? 4.522   -2.350  -10.962 1.00 5.87  ? 2  DC  A N4    1 
ATOM   34  C C5    . DC  A 1 2  ? 3.771   -0.191  -11.584 1.00 6.50  ? 2  DC  A C5    1 
ATOM   35  C C6    . DC  A 1 2  ? 2.712   0.540   -11.880 1.00 5.68  ? 2  DC  A C6    1 
ATOM   36  P P     . DG  A 1 3  ? -2.943  3.932   -12.211 1.00 36.65 ? 3  DG  A P     1 
ATOM   37  O OP1   . DG  A 1 3  ? -2.429  5.104   -13.018 1.00 34.37 ? 3  DG  A OP1   1 
ATOM   38  O OP2   . DG  A 1 3  ? -3.104  4.095   -10.713 1.00 31.78 ? 3  DG  A OP2   1 
ATOM   39  O "O5'" . DG  A 1 3  ? -4.273  3.373   -12.923 1.00 31.61 ? 3  DG  A "O5'" 1 
ATOM   40  C "C5'" . DG  A 1 3  ? -4.637  1.964   -12.842 1.00 27.23 ? 3  DG  A "C5'" 1 
ATOM   41  C "C4'" . DG  A 1 3  ? -4.893  1.464   -11.414 1.00 23.16 ? 3  DG  A "C4'" 1 
ATOM   42  O "O4'" . DG  A 1 3  ? -3.639  1.342   -10.684 1.00 20.25 ? 3  DG  A "O4'" 1 
ATOM   43  C "C3'" . DG  A 1 3  ? -5.796  2.291   -10.510 1.00 21.31 ? 3  DG  A "C3'" 1 
ATOM   44  O "O3'" . DG  A 1 3  ? -6.620  1.326   -9.959  1.00 23.22 ? 3  DG  A "O3'" 1 
ATOM   45  C "C2'" . DG  A 1 3  ? -4.839  2.962   -9.506  1.00 18.07 ? 3  DG  A "C2'" 1 
ATOM   46  C "C1'" . DG  A 1 3  ? -3.697  1.992   -9.442  1.00 12.30 ? 3  DG  A "C1'" 1 
ATOM   47  N N9    . DG  A 1 3  ? -2.276  2.318   -9.243  1.00 12.14 ? 3  DG  A N9    1 
ATOM   48  C C8    . DG  A 1 3  ? -1.387  3.409   -9.282  1.00 8.65  ? 3  DG  A C8    1 
ATOM   49  N N7    . DG  A 1 3  ? -0.144  2.990   -8.956  1.00 8.13  ? 3  DG  A N7    1 
ATOM   50  C C5    . DG  A 1 3  ? -0.233  1.562   -8.692  1.00 8.15  ? 3  DG  A C5    1 
ATOM   51  C C6    . DG  A 1 3  ? 0.649   0.451   -8.329  1.00 12.31 ? 3  DG  A C6    1 
ATOM   52  O O6    . DG  A 1 3  ? 1.906   0.337   -8.075  1.00 13.14 ? 3  DG  A O6    1 
ATOM   53  N N1    . DG  A 1 3  ? -0.049  -0.756  -8.236  1.00 9.03  ? 3  DG  A N1    1 
ATOM   54  C C2    . DG  A 1 3  ? -1.383  -0.939  -8.421  1.00 7.05  ? 3  DG  A C2    1 
ATOM   55  N N2    . DG  A 1 3  ? -1.925  -2.128  -8.282  1.00 8.51  ? 3  DG  A N2    1 
ATOM   56  N N3    . DG  A 1 3  ? -2.153  -0.004  -8.799  1.00 8.97  ? 3  DG  A N3    1 
ATOM   57  C C4    . DG  A 1 3  ? -1.537  1.196   -8.903  1.00 9.07  ? 3  DG  A C4    1 
ATOM   58  P P     . DC  A 1 4  ? -8.146  1.633   -9.617  1.00 24.98 ? 4  DC  A P     1 
ATOM   59  O OP1   . DC  A 1 4  ? -9.089  1.001   -10.557 1.00 25.70 ? 4  DC  A OP1   1 
ATOM   60  O OP2   . DC  A 1 4  ? -8.435  3.058   -9.334  1.00 28.10 ? 4  DC  A OP2   1 
ATOM   61  O "O5'" . DC  A 1 4  ? -8.308  0.724   -8.304  1.00 24.17 ? 4  DC  A "O5'" 1 
ATOM   62  C "C5'" . DC  A 1 4  ? -7.407  0.671   -7.234  1.00 19.22 ? 4  DC  A "C5'" 1 
ATOM   63  C "C4'" . DC  A 1 4  ? -7.215  -0.732  -6.668  1.00 13.65 ? 4  DC  A "C4'" 1 
ATOM   64  O "O4'" . DC  A 1 4  ? -5.800  -0.563  -6.648  1.00 7.42  ? 4  DC  A "O4'" 1 
ATOM   65  C "C3'" . DC  A 1 4  ? -7.578  -1.031  -5.209  1.00 12.88 ? 4  DC  A "C3'" 1 
ATOM   66  O "O3'" . DC  A 1 4  ? -8.103  -2.422  -4.836  1.00 19.12 ? 4  DC  A "O3'" 1 
ATOM   67  C "C2'" . DC  A 1 4  ? -6.248  -0.645  -4.520  1.00 13.45 ? 4  DC  A "C2'" 1 
ATOM   68  C "C1'" . DC  A 1 4  ? -5.151  -1.082  -5.511  1.00 9.30  ? 4  DC  A "C1'" 1 
ATOM   69  N N1    . DC  A 1 4  ? -3.662  -0.518  -5.420  1.00 5.05  ? 4  DC  A N1    1 
ATOM   70  C C2    . DC  A 1 4  ? -2.583  -1.004  -4.777  1.00 5.27  ? 4  DC  A C2    1 
ATOM   71  O O2    . DC  A 1 4  ? -2.628  -2.113  -4.226  1.00 9.55  ? 4  DC  A O2    1 
ATOM   72  N N3    . DC  A 1 4  ? -1.432  -0.255  -4.806  1.00 5.15  ? 4  DC  A N3    1 
ATOM   73  C C4    . DC  A 1 4  ? -1.277  0.896   -5.391  1.00 2.85  ? 4  DC  A C4    1 
ATOM   74  N N4    . DC  A 1 4  ? -0.111  1.527   -5.436  1.00 2.12  ? 4  DC  A N4    1 
ATOM   75  C C5    . DC  A 1 4  ? -2.362  1.437   -6.006  1.00 5.58  ? 4  DC  A C5    1 
ATOM   76  C C6    . DC  A 1 4  ? -3.468  0.702   -5.974  1.00 8.90  ? 4  DC  A C6    1 
ATOM   77  P P     . DT  A 1 5  ? -8.637  -2.800  -3.326  1.00 19.28 ? 5  DT  A P     1 
ATOM   78  O OP1   . DT  A 1 5  ? -9.423  -3.963  -3.624  1.00 20.37 ? 5  DT  A OP1   1 
ATOM   79  O OP2   . DT  A 1 5  ? -9.252  -1.661  -2.607  1.00 20.29 ? 5  DT  A OP2   1 
ATOM   80  O "O5'" . DT  A 1 5  ? -7.383  -3.132  -2.439  1.00 18.83 ? 5  DT  A "O5'" 1 
ATOM   81  C "C5'" . DT  A 1 5  ? -6.347  -3.850  -3.111  1.00 26.89 ? 5  DT  A "C5'" 1 
ATOM   82  C "C4'" . DT  A 1 5  ? -5.384  -4.580  -2.176  1.00 29.76 ? 5  DT  A "C4'" 1 
ATOM   83  O "O4'" . DT  A 1 5  ? -4.072  -3.924  -2.135  1.00 31.12 ? 5  DT  A "O4'" 1 
ATOM   84  C "C3'" . DT  A 1 5  ? -5.982  -4.372  -0.810  1.00 30.38 ? 5  DT  A "C3'" 1 
ATOM   85  O "O3'" . DT  A 1 5  ? -5.291  -5.156  0.194   1.00 30.73 ? 5  DT  A "O3'" 1 
ATOM   86  C "C2'" . DT  A 1 5  ? -5.746  -2.858  -0.712  1.00 30.58 ? 5  DT  A "C2'" 1 
ATOM   87  C "C1'" . DT  A 1 5  ? -4.246  -2.932  -1.096  1.00 32.58 ? 5  DT  A "C1'" 1 
ATOM   88  N N1    . DT  A 1 5  ? -3.495  -1.638  -1.345  1.00 30.58 ? 5  DT  A N1    1 
ATOM   89  C C2    . DT  A 1 5  ? -2.142  -1.778  -1.426  1.00 29.17 ? 5  DT  A C2    1 
ATOM   90  O O2    . DT  A 1 5  ? -1.590  -2.878  -1.354  1.00 24.55 ? 5  DT  A O2    1 
ATOM   91  N N3    . DT  A 1 5  ? -1.526  -0.551  -1.635  1.00 31.42 ? 5  DT  A N3    1 
ATOM   92  C C4    . DT  A 1 5  ? -2.105  0.736   -1.740  1.00 30.55 ? 5  DT  A C4    1 
ATOM   93  O O4    . DT  A 1 5  ? -1.519  1.806   -1.964  1.00 30.01 ? 5  DT  A O4    1 
ATOM   94  C C5    . DT  A 1 5  ? -3.508  0.795   -1.619  1.00 28.25 ? 5  DT  A C5    1 
ATOM   95  C C7    . DT  A 1 5  ? -4.151  2.081   -2.110  1.00 31.14 ? 5  DT  A C7    1 
ATOM   96  C C6    . DT  A 1 5  ? -4.137  -0.392  -1.411  1.00 31.64 ? 5  DT  A C6    1 
ATOM   97  P P     . DA  A 1 6  ? -6.222  -5.260  1.471   1.00 28.72 ? 6  DA  A P     1 
ATOM   98  O OP1   . DA  A 1 6  ? -7.569  -5.599  0.961   1.00 25.26 ? 6  DA  A OP1   1 
ATOM   99  O OP2   . DA  A 1 6  ? -6.133  -3.976  2.202   1.00 30.81 ? 6  DA  A OP2   1 
ATOM   100 O "O5'" . DA  A 1 6  ? -5.449  -6.376  2.299   1.00 23.32 ? 6  DA  A "O5'" 1 
ATOM   101 C "C5'" . DA  A 1 6  ? -4.635  -7.261  1.613   1.00 18.66 ? 6  DA  A "C5'" 1 
ATOM   102 C "C4'" . DA  A 1 6  ? -3.187  -7.072  1.940   1.00 15.06 ? 6  DA  A "C4'" 1 
ATOM   103 O "O4'" . DA  A 1 6  ? -2.879  -5.716  1.615   1.00 12.34 ? 6  DA  A "O4'" 1 
ATOM   104 C "C3'" . DA  A 1 6  ? -2.844  -7.320  3.403   1.00 13.63 ? 6  DA  A "C3'" 1 
ATOM   105 O "O3'" . DA  A 1 6  ? -1.709  -8.163  3.681   1.00 11.61 ? 6  DA  A "O3'" 1 
ATOM   106 C "C2'" . DA  A 1 6  ? -2.512  -5.907  3.877   1.00 16.60 ? 6  DA  A "C2'" 1 
ATOM   107 C "C1'" . DA  A 1 6  ? -2.063  -5.137  2.630   1.00 11.57 ? 6  DA  A "C1'" 1 
ATOM   108 N N9    . DA  A 1 6  ? -2.326  -3.665  2.601   1.00 9.35  ? 6  DA  A N9    1 
ATOM   109 C C8    . DA  A 1 6  ? -3.584  -3.081  2.712   1.00 10.83 ? 6  DA  A C8    1 
ATOM   110 N N7    . DA  A 1 6  ? -3.731  -1.792  2.581   1.00 6.66  ? 6  DA  A N7    1 
ATOM   111 C C5    . DA  A 1 6  ? -2.412  -1.502  2.366   1.00 7.46  ? 6  DA  A C5    1 
ATOM   112 C C6    . DA  A 1 6  ? -1.942  -0.234  2.152   1.00 11.25 ? 6  DA  A C6    1 
ATOM   113 N N6    . DA  A 1 6  ? -2.855  0.821   2.158   1.00 11.51 ? 6  DA  A N6    1 
ATOM   114 N N1    . DA  A 1 6  ? -0.576  -0.190  1.960   1.00 9.94  ? 6  DA  A N1    1 
ATOM   115 C C2    . DA  A 1 6  ? 0.219   -1.303  1.979   1.00 8.44  ? 6  DA  A C2    1 
ATOM   116 N N3    . DA  A 1 6  ? -0.145  -2.584  2.155   1.00 8.15  ? 6  DA  A N3    1 
ATOM   117 C C4    . DA  A 1 6  ? -1.509  -2.597  2.342   1.00 7.38  ? 6  DA  A C4    1 
ATOM   118 P P     . DG  A 1 7  ? -1.215  -7.959  5.145   1.00 15.32 ? 7  DG  A P     1 
ATOM   119 O OP1   . DG  A 1 7  ? -0.218  -8.917  5.625   1.00 15.00 ? 7  DG  A OP1   1 
ATOM   120 O OP2   . DG  A 1 7  ? -2.341  -7.478  5.940   1.00 13.71 ? 7  DG  A OP2   1 
ATOM   121 O "O5'" . DG  A 1 7  ? -0.423  -6.643  4.914   1.00 14.53 ? 7  DG  A "O5'" 1 
ATOM   122 C "C5'" . DG  A 1 7  ? 1.019   -6.576  5.106   1.00 14.32 ? 7  DG  A "C5'" 1 
ATOM   123 C "C4'" . DG  A 1 7  ? 1.381   -5.235  5.698   1.00 8.99  ? 7  DG  A "C4'" 1 
ATOM   124 O "O4'" . DG  A 1 7  ? 0.251   -4.337  5.689   1.00 9.65  ? 7  DG  A "O4'" 1 
ATOM   125 C "C3'" . DG  A 1 7  ? 1.387   -5.539  7.156   1.00 12.15 ? 7  DG  A "C3'" 1 
ATOM   126 O "O3'" . DG  A 1 7  ? 2.646   -6.059  7.384   1.00 15.29 ? 7  DG  A "O3'" 1 
ATOM   127 C "C2'" . DG  A 1 7  ? 0.861   -4.288  7.897   1.00 7.73  ? 7  DG  A "C2'" 1 
ATOM   128 C "C1'" . DG  A 1 7  ? 0.418   -3.426  6.704   1.00 7.33  ? 7  DG  A "C1'" 1 
ATOM   129 N N9    . DG  A 1 7  ? -0.838  -2.733  6.586   1.00 3.70  ? 7  DG  A N9    1 
ATOM   130 C C8    . DG  A 1 7  ? -2.090  -3.088  6.808   1.00 5.84  ? 7  DG  A C8    1 
ATOM   131 N N7    . DG  A 1 7  ? -2.926  -2.137  6.539   1.00 9.86  ? 7  DG  A N7    1 
ATOM   132 C C5    . DG  A 1 7  ? -2.159  -1.061  6.063   1.00 8.44  ? 7  DG  A C5    1 
ATOM   133 C C6    . DG  A 1 7  ? -2.425  0.312   5.638   1.00 11.03 ? 7  DG  A C6    1 
ATOM   134 O O6    . DG  A 1 7  ? -3.524  0.948   5.502   1.00 9.58  ? 7  DG  A O6    1 
ATOM   135 N N1    . DG  A 1 7  ? -1.230  0.961   5.287   1.00 7.98  ? 7  DG  A N1    1 
ATOM   136 C C2    . DG  A 1 7  ? -0.001  0.388   5.354   1.00 7.45  ? 7  DG  A C2    1 
ATOM   137 N N2    . DG  A 1 7  ? 1.132   1.007   4.977   1.00 6.99  ? 7  DG  A N2    1 
ATOM   138 N N3    . DG  A 1 7  ? 0.180   -0.806  5.795   1.00 10.12 ? 7  DG  A N3    1 
ATOM   139 C C4    . DG  A 1 7  ? -0.902  -1.476  6.113   1.00 4.39  ? 7  DG  A C4    1 
ATOM   140 P P     . DC  A 1 8  ? 2.748   -6.091  8.888   1.00 16.40 ? 8  DC  A P     1 
ATOM   141 O OP1   . DC  A 1 8  ? 3.816   -7.031  9.154   1.00 17.93 ? 8  DC  A OP1   1 
ATOM   142 O OP2   . DC  A 1 8  ? 1.379   -6.188  9.321   1.00 14.87 ? 8  DC  A OP2   1 
ATOM   143 O "O5'" . DC  A 1 8  ? 3.196   -4.571  9.092   1.00 20.77 ? 8  DC  A "O5'" 1 
ATOM   144 C "C5'" . DC  A 1 8  ? 4.467   -4.254  8.347   1.00 20.97 ? 8  DC  A "C5'" 1 
ATOM   145 C "C4'" . DC  A 1 8  ? 4.962   -2.816  8.437   1.00 18.77 ? 8  DC  A "C4'" 1 
ATOM   146 O "O4'" . DC  A 1 8  ? 3.917   -1.956  7.926   1.00 15.65 ? 8  DC  A "O4'" 1 
ATOM   147 C "C3'" . DC  A 1 8  ? 5.344   -2.347  9.839   1.00 22.37 ? 8  DC  A "C3'" 1 
ATOM   148 O "O3'" . DC  A 1 8  ? 6.446   -1.421  9.966   1.00 28.67 ? 8  DC  A "O3'" 1 
ATOM   149 C "C2'" . DC  A 1 8  ? 4.029   -1.705  10.212  1.00 22.01 ? 8  DC  A "C2'" 1 
ATOM   150 C "C1'" . DC  A 1 8  ? 3.595   -1.027  8.913   1.00 17.08 ? 8  DC  A "C1'" 1 
ATOM   151 N N1    . DC  A 1 8  ? 2.151   -0.712  9.052   1.00 13.08 ? 8  DC  A N1    1 
ATOM   152 C C2    . DC  A 1 8  ? 1.576   0.475   8.613   1.00 17.06 ? 8  DC  A C2    1 
ATOM   153 O O2    . DC  A 1 8  ? 2.269   1.318   7.998   1.00 17.29 ? 8  DC  A O2    1 
ATOM   154 N N3    . DC  A 1 8  ? 0.229   0.639   8.849   1.00 18.41 ? 8  DC  A N3    1 
ATOM   155 C C4    . DC  A 1 8  ? -0.474  -0.285  9.538   1.00 14.96 ? 8  DC  A C4    1 
ATOM   156 N N4    . DC  A 1 8  ? -1.777  -0.140  9.804   1.00 15.09 ? 8  DC  A N4    1 
ATOM   157 C C5    . DC  A 1 8  ? 0.144   -1.439  10.002  1.00 12.70 ? 8  DC  A C5    1 
ATOM   158 C C6    . DC  A 1 8  ? 1.429   -1.588  9.750   1.00 10.77 ? 8  DC  A C6    1 
ATOM   159 P P     . DG  A 1 9  ? 6.974   -0.864  11.416  1.00 33.38 ? 9  DG  A P     1 
ATOM   160 O OP1   . DG  A 1 9  ? 7.939   -1.788  12.025  1.00 33.79 ? 9  DG  A OP1   1 
ATOM   161 O OP2   . DG  A 1 9  ? 5.913   -0.419  12.344  1.00 33.89 ? 9  DG  A OP2   1 
ATOM   162 O "O5'" . DG  A 1 9  ? 7.739   0.414   10.837  1.00 30.62 ? 9  DG  A "O5'" 1 
ATOM   163 C "C5'" . DG  A 1 9  ? 7.193   1.261   9.797   1.00 27.65 ? 9  DG  A "C5'" 1 
ATOM   164 C "C4'" . DG  A 1 9  ? 6.770   2.690   10.195  1.00 23.62 ? 9  DG  A "C4'" 1 
ATOM   165 O "O4'" . DG  A 1 9  ? 5.299   2.718   10.278  1.00 21.08 ? 9  DG  A "O4'" 1 
ATOM   166 C "C3'" . DG  A 1 9  ? 7.256   3.335   11.496  1.00 23.24 ? 9  DG  A "C3'" 1 
ATOM   167 O "O3'" . DG  A 1 9  ? 7.226   4.843   11.425  1.00 30.54 ? 9  DG  A "O3'" 1 
ATOM   168 C "C2'" . DG  A 1 9  ? 6.162   2.819   12.452  1.00 16.48 ? 9  DG  A "C2'" 1 
ATOM   169 C "C1'" . DG  A 1 9  ? 4.958   3.153   11.573  1.00 10.50 ? 9  DG  A "C1'" 1 
ATOM   170 N N9    . DG  A 1 9  ? 3.816   2.415   11.961  1.00 6.70  ? 9  DG  A N9    1 
ATOM   171 C C8    . DG  A 1 9  ? 3.917   1.263   12.653  1.00 4.11  ? 9  DG  A C8    1 
ATOM   172 N N7    . DG  A 1 9  ? 2.746   0.779   12.861  1.00 7.14  ? 9  DG  A N7    1 
ATOM   173 C C5    . DG  A 1 9  ? 1.853   1.699   12.345  1.00 4.19  ? 9  DG  A C5    1 
ATOM   174 C C6    . DG  A 1 9  ? 0.452   1.677   12.324  1.00 9.31  ? 9  DG  A C6    1 
ATOM   175 O O6    . DG  A 1 9  ? -0.356  0.825   12.774  1.00 9.24  ? 9  DG  A O6    1 
ATOM   176 N N1    . DG  A 1 9  ? -0.046  2.811   11.689  1.00 5.66  ? 9  DG  A N1    1 
ATOM   177 C C2    . DG  A 1 9  ? 0.684   3.780   11.104  1.00 2.60  ? 9  DG  A C2    1 
ATOM   178 N N2    . DG  A 1 9  ? -0.069  4.695   10.515  1.00 4.32  ? 9  DG  A N2    1 
ATOM   179 N N3    . DG  A 1 9  ? 1.988   3.806   11.103  1.00 3.98  ? 9  DG  A N3    1 
ATOM   180 C C4    . DG  A 1 9  ? 2.497   2.719   11.746  1.00 4.42  ? 9  DG  A C4    1 
ATOM   181 P P     . DG  A 1 10 ? 8.302   5.793   12.131  1.00 29.32 ? 10 DG  A P     1 
ATOM   182 O OP1   . DG  A 1 10 ? 9.584   5.477   11.484  1.00 29.39 ? 10 DG  A OP1   1 
ATOM   183 O OP2   . DG  A 1 10 ? 8.147   5.682   13.562  1.00 32.34 ? 10 DG  A OP2   1 
ATOM   184 O "O5'" . DG  A 1 10 ? 7.975   7.312   11.821  1.00 29.98 ? 10 DG  A "O5'" 1 
ATOM   185 C "C5'" . DG  A 1 10 ? 6.671   7.806   11.633  1.00 27.25 ? 10 DG  A "C5'" 1 
ATOM   186 C "C4'" . DG  A 1 10 ? 6.196   8.459   12.898  1.00 26.76 ? 10 DG  A "C4'" 1 
ATOM   187 O "O4'" . DG  A 1 10 ? 4.943   7.753   13.129  1.00 26.79 ? 10 DG  A "O4'" 1 
ATOM   188 C "C3'" . DG  A 1 10 ? 7.103   8.247   14.147  1.00 26.28 ? 10 DG  A "C3'" 1 
ATOM   189 O "O3'" . DG  A 1 10 ? 6.850   9.023   15.306  1.00 28.63 ? 10 DG  A "O3'" 1 
ATOM   190 C "C2'" . DG  A 1 10 ? 6.624   6.932   14.674  1.00 23.21 ? 10 DG  A "C2'" 1 
ATOM   191 C "C1'" . DG  A 1 10 ? 5.122   7.209   14.461  1.00 23.49 ? 10 DG  A "C1'" 1 
ATOM   192 N N9    . DG  A 1 10 ? 4.350   6.009   14.782  1.00 21.37 ? 10 DG  A N9    1 
ATOM   193 C C8    . DG  A 1 10 ? 4.937   4.839   15.174  1.00 21.65 ? 10 DG  A C8    1 
ATOM   194 N N7    . DG  A 1 10 ? 4.131   3.858   15.418  1.00 20.39 ? 10 DG  A N7    1 
ATOM   195 C C5    . DG  A 1 10 ? 2.934   4.423   15.190  1.00 16.89 ? 10 DG  A C5    1 
ATOM   196 C C6    . DG  A 1 10 ? 1.779   3.757   15.318  1.00 17.84 ? 10 DG  A C6    1 
ATOM   197 O O6    . DG  A 1 10 ? 1.637   2.540   15.643  1.00 19.09 ? 10 DG  A O6    1 
ATOM   198 N N1    . DG  A 1 10 ? 0.797   4.654   14.961  1.00 19.61 ? 10 DG  A N1    1 
ATOM   199 C C2    . DG  A 1 10 ? 0.927   5.985   14.596  1.00 18.02 ? 10 DG  A C2    1 
ATOM   200 N N2    . DG  A 1 10 ? -0.205  6.639   14.349  1.00 20.55 ? 10 DG  A N2    1 
ATOM   201 N N3    . DG  A 1 10 ? 2.056   6.625   14.453  1.00 17.05 ? 10 DG  A N3    1 
ATOM   202 C C4    . DG  A 1 10 ? 3.014   5.748   14.782  1.00 19.37 ? 10 DG  A C4    1 
ATOM   203 O "O5'" . DC  B 1 1  ? -7.790  0.590   15.892  1.00 29.63 ? 11 DC  B "O5'" 1 
ATOM   204 C "C5'" . DC  B 1 1  ? -7.817  1.671   14.929  1.00 31.15 ? 11 DC  B "C5'" 1 
ATOM   205 C "C4'" . DC  B 1 1  ? -7.793  3.081   15.543  1.00 30.95 ? 11 DC  B "C4'" 1 
ATOM   206 O "O4'" . DC  B 1 1  ? -6.635  3.026   16.394  1.00 31.01 ? 11 DC  B "O4'" 1 
ATOM   207 C "C3'" . DC  B 1 1  ? -7.573  4.270   14.573  1.00 32.68 ? 11 DC  B "C3'" 1 
ATOM   208 O "O3'" . DC  B 1 1  ? -8.404  5.441   14.728  1.00 32.52 ? 11 DC  B "O3'" 1 
ATOM   209 C "C2'" . DC  B 1 1  ? -6.107  4.674   14.747  1.00 34.33 ? 11 DC  B "C2'" 1 
ATOM   210 C "C1'" . DC  B 1 1  ? -5.578  3.838   15.916  1.00 32.20 ? 11 DC  B "C1'" 1 
ATOM   211 N N1    . DC  B 1 1  ? -4.271  3.090   15.659  1.00 30.53 ? 11 DC  B N1    1 
ATOM   212 C C2    . DC  B 1 1  ? -3.130  3.856   15.422  1.00 30.64 ? 11 DC  B C2    1 
ATOM   213 O O2    . DC  B 1 1  ? -3.239  5.102   15.388  1.00 30.29 ? 11 DC  B O2    1 
ATOM   214 N N3    . DC  B 1 1  ? -1.957  3.216   15.209  1.00 29.98 ? 11 DC  B N3    1 
ATOM   215 C C4    . DC  B 1 1  ? -1.896  1.889   15.234  1.00 31.57 ? 11 DC  B C4    1 
ATOM   216 N N4    . DC  B 1 1  ? -0.698  1.302   15.021  1.00 32.20 ? 11 DC  B N4    1 
ATOM   217 C C5    . DC  B 1 1  ? -3.049  1.101   15.487  1.00 29.00 ? 11 DC  B C5    1 
ATOM   218 C C6    . DC  B 1 1  ? -4.185  1.737   15.684  1.00 29.39 ? 11 DC  B C6    1 
ATOM   219 P P     . DC  B 1 2  ? -8.907  6.466   13.568  1.00 36.76 ? 12 DC  B P     1 
ATOM   220 O OP1   . DC  B 1 2  ? -9.372  7.647   14.368  1.00 37.97 ? 12 DC  B OP1   1 
ATOM   221 O OP2   . DC  B 1 2  ? -9.889  5.752   12.701  1.00 37.63 ? 12 DC  B OP2   1 
ATOM   222 O "O5'" . DC  B 1 2  ? -7.711  6.944   12.572  1.00 33.33 ? 12 DC  B "O5'" 1 
ATOM   223 C "C5'" . DC  B 1 2  ? -8.032  7.331   11.145  1.00 32.46 ? 12 DC  B "C5'" 1 
ATOM   224 C "C4'" . DC  B 1 2  ? -6.841  7.510   10.171  1.00 31.71 ? 12 DC  B "C4'" 1 
ATOM   225 O "O4'" . DC  B 1 2  ? -5.785  6.720   10.745  1.00 33.62 ? 12 DC  B "O4'" 1 
ATOM   226 C "C3'" . DC  B 1 2  ? -6.858  7.041   8.698   1.00 30.44 ? 12 DC  B "C3'" 1 
ATOM   227 O "O3'" . DC  B 1 2  ? -6.658  8.002   7.685   1.00 31.70 ? 12 DC  B "O3'" 1 
ATOM   228 C "C2'" . DC  B 1 2  ? -5.595  6.222   8.524   1.00 32.18 ? 12 DC  B "C2'" 1 
ATOM   229 C "C1'" . DC  B 1 2  ? -4.793  6.455   9.760   1.00 29.73 ? 12 DC  B "C1'" 1 
ATOM   230 N N1    . DC  B 1 2  ? -4.094  5.233   10.184  1.00 28.95 ? 12 DC  B N1    1 
ATOM   231 C C2    . DC  B 1 2  ? -2.716  5.245   10.191  1.00 26.78 ? 12 DC  B C2    1 
ATOM   232 O O2    . DC  B 1 2  ? -2.133  6.262   9.781   1.00 26.41 ? 12 DC  B O2    1 
ATOM   233 N N3    . DC  B 1 2  ? -2.120  4.127   10.644  1.00 23.02 ? 12 DC  B N3    1 
ATOM   234 C C4    . DC  B 1 2  ? -2.848  3.091   11.059  1.00 23.37 ? 12 DC  B C4    1 
ATOM   235 N N4    . DC  B 1 2  ? -2.216  2.008   11.489  1.00 27.49 ? 12 DC  B N4    1 
ATOM   236 C C5    . DC  B 1 2  ? -4.242  3.058   11.093  1.00 22.09 ? 12 DC  B C5    1 
ATOM   237 C C6    . DC  B 1 2  ? -4.819  4.161   10.664  1.00 27.31 ? 12 DC  B C6    1 
ATOM   238 P P     . DG  B 1 3  ? -5.297  8.250   6.792   1.00 31.79 ? 13 DG  B P     1 
ATOM   239 O OP1   . DG  B 1 3  ? -5.199  9.704   6.821   1.00 36.15 ? 13 DG  B OP1   1 
ATOM   240 O OP2   . DG  B 1 3  ? -5.404  7.606   5.499   1.00 29.60 ? 13 DG  B OP2   1 
ATOM   241 O "O5'" . DG  B 1 3  ? -3.969  7.927   7.632   1.00 29.02 ? 13 DG  B "O5'" 1 
ATOM   242 C "C5'" . DG  B 1 3  ? -3.138  8.987   8.191   1.00 23.46 ? 13 DG  B "C5'" 1 
ATOM   243 C "C4'" . DG  B 1 3  ? -2.002  9.398   7.260   1.00 18.98 ? 13 DG  B "C4'" 1 
ATOM   244 O "O4'" . DG  B 1 3  ? -1.428  8.178   6.711   1.00 23.01 ? 13 DG  B "O4'" 1 
ATOM   245 C "C3'" . DG  B 1 3  ? -2.611  10.025  6.068   1.00 19.08 ? 13 DG  B "C3'" 1 
ATOM   246 O "O3'" . DG  B 1 3  ? -1.690  10.984  5.264   1.00 17.07 ? 13 DG  B "O3'" 1 
ATOM   247 C "C2'" . DG  B 1 3  ? -3.271  8.664   5.573   1.00 16.35 ? 13 DG  B "C2'" 1 
ATOM   248 C "C1'" . DG  B 1 3  ? -2.316  7.489   5.823   1.00 14.01 ? 13 DG  B "C1'" 1 
ATOM   249 N N9    . DG  B 1 3  ? -2.678  6.094   6.308   1.00 14.02 ? 13 DG  B N9    1 
ATOM   250 C C8    . DG  B 1 3  ? -3.874  5.386   6.451   1.00 12.83 ? 13 DG  B C8    1 
ATOM   251 N N7    . DG  B 1 3  ? -3.803  4.159   6.911   1.00 9.87  ? 13 DG  B N7    1 
ATOM   252 C C5    . DG  B 1 3  ? -2.441  3.961   7.071   1.00 10.32 ? 13 DG  B C5    1 
ATOM   253 C C6    . DG  B 1 3  ? -1.658  2.839   7.495   1.00 11.91 ? 13 DG  B C6    1 
ATOM   254 O O6    . DG  B 1 3  ? -1.986  1.725   7.878   1.00 14.13 ? 13 DG  B O6    1 
ATOM   255 N N1    . DG  B 1 3  ? -0.280  3.022   7.513   1.00 12.97 ? 13 DG  B N1    1 
ATOM   256 C C2    . DG  B 1 3  ? 0.323   4.225   7.135   1.00 13.54 ? 13 DG  B C2    1 
ATOM   257 N N2    . DG  B 1 3  ? 1.675   4.321   7.198   1.00 9.73  ? 13 DG  B N2    1 
ATOM   258 N N3    . DG  B 1 3  ? -0.399  5.294   6.722   1.00 16.75 ? 13 DG  B N3    1 
ATOM   259 C C4    . DG  B 1 3  ? -1.762  5.117   6.710   1.00 13.88 ? 13 DG  B C4    1 
ATOM   260 P P     . DC  B 1 4  ? -1.594  11.185  3.606   1.00 18.38 ? 14 DC  B P     1 
ATOM   261 O OP1   . DC  B 1 4  ? -1.022  12.444  2.986   1.00 15.59 ? 14 DC  B OP1   1 
ATOM   262 O OP2   . DC  B 1 4  ? -2.746  10.644  2.822   1.00 13.44 ? 14 DC  B OP2   1 
ATOM   263 O "O5'" . DC  B 1 4  ? -0.362  10.168  3.823   1.00 18.03 ? 14 DC  B "O5'" 1 
ATOM   264 C "C5'" . DC  B 1 4  ? 0.662   10.249  4.857   1.00 13.94 ? 14 DC  B "C5'" 1 
ATOM   265 C "C4'" . DC  B 1 4  ? 1.773   9.391   4.307   1.00 11.55 ? 14 DC  B "C4'" 1 
ATOM   266 O "O4'" . DC  B 1 4  ? 1.468   8.059   4.658   1.00 12.77 ? 14 DC  B "O4'" 1 
ATOM   267 C "C3'" . DC  B 1 4  ? 1.811   9.224   2.781   1.00 9.73  ? 14 DC  B "C3'" 1 
ATOM   268 O "O3'" . DC  B 1 4  ? 2.809   8.317   2.469   1.00 12.80 ? 14 DC  B "O3'" 1 
ATOM   269 C "C2'" . DC  B 1 4  ? 0.595   8.412   2.491   1.00 8.96  ? 14 DC  B "C2'" 1 
ATOM   270 C "C1'" . DC  B 1 4  ? 1.141   7.377   3.426   1.00 10.25 ? 14 DC  B "C1'" 1 
ATOM   271 N N1    . DC  B 1 4  ? 0.225   6.269   3.631   1.00 8.34  ? 14 DC  B N1    1 
ATOM   272 C C2    . DC  B 1 4  ? 0.760   5.077   4.010   1.00 7.63  ? 14 DC  B C2    1 
ATOM   273 O O2    . DC  B 1 4  ? 2.000   5.008   4.158   1.00 10.60 ? 14 DC  B O2    1 
ATOM   274 N N3    . DC  B 1 4  ? -0.094  4.078   4.230   1.00 3.93  ? 14 DC  B N3    1 
ATOM   275 C C4    . DC  B 1 4  ? -1.360  4.287   4.018   1.00 7.56  ? 14 DC  B C4    1 
ATOM   276 N N4    . DC  B 1 4  ? -2.207  3.328   4.278   1.00 9.32  ? 14 DC  B N4    1 
ATOM   277 C C5    . DC  B 1 4  ? -1.908  5.524   3.629   1.00 11.78 ? 14 DC  B C5    1 
ATOM   278 C C6    . DC  B 1 4  ? -1.083  6.521   3.424   1.00 9.12  ? 14 DC  B C6    1 
ATOM   279 P P     . DT  B 1 5  ? 3.714   8.528   1.188   1.00 15.54 ? 15 DT  B P     1 
ATOM   280 O OP1   . DT  B 1 5  ? 4.618   9.534   1.848   1.00 17.82 ? 15 DT  B OP1   1 
ATOM   281 O OP2   . DT  B 1 5  ? 2.837   8.789   0.002   1.00 7.32  ? 15 DT  B OP2   1 
ATOM   282 O "O5'" . DT  B 1 5  ? 4.557   7.247   0.822   1.00 16.31 ? 15 DT  B "O5'" 1 
ATOM   283 C "C5'" . DT  B 1 5  ? 5.479   6.612   1.766   1.00 20.57 ? 15 DT  B "C5'" 1 
ATOM   284 C "C4'" . DT  B 1 5  ? 5.354   5.104   1.581   1.00 17.37 ? 15 DT  B "C4'" 1 
ATOM   285 O "O4'" . DT  B 1 5  ? 3.948   4.725   1.803   1.00 18.21 ? 15 DT  B "O4'" 1 
ATOM   286 C "C3'" . DT  B 1 5  ? 5.704   4.813   0.138   1.00 17.05 ? 15 DT  B "C3'" 1 
ATOM   287 O "O3'" . DT  B 1 5  ? 6.756   3.708   0.093   1.00 18.52 ? 15 DT  B "O3'" 1 
ATOM   288 C "C2'" . DT  B 1 5  ? 4.279   4.807   -0.497  1.00 14.49 ? 15 DT  B "C2'" 1 
ATOM   289 C "C1'" . DT  B 1 5  ? 3.338   4.244   0.619   1.00 12.50 ? 15 DT  B "C1'" 1 
ATOM   290 N N1    . DT  B 1 5  ? 1.722   4.171   0.533   1.00 8.31  ? 15 DT  B N1    1 
ATOM   291 C C2    . DT  B 1 5  ? 1.128   3.015   1.030   1.00 6.48  ? 15 DT  B C2    1 
ATOM   292 O O2    . DT  B 1 5  ? 1.745   2.134   1.577   1.00 10.37 ? 15 DT  B O2    1 
ATOM   293 N N3    . DT  B 1 5  ? -0.208  2.879   0.970   1.00 2.00  ? 15 DT  B N3    1 
ATOM   294 C C4    . DT  B 1 5  ? -1.106  3.756   0.386   1.00 9.98  ? 15 DT  B C4    1 
ATOM   295 O O4    . DT  B 1 5  ? -2.349  3.546   0.306   1.00 12.22 ? 15 DT  B O4    1 
ATOM   296 C C5    . DT  B 1 5  ? -0.503  4.941   -0.177  1.00 10.57 ? 15 DT  B C5    1 
ATOM   297 C C7    . DT  B 1 5  ? -1.381  5.623   -1.195  1.00 12.23 ? 15 DT  B C7    1 
ATOM   298 C C6    . DT  B 1 5  ? 0.867   5.091   -0.091  1.00 9.39  ? 15 DT  B C6    1 
ATOM   299 P P     . DA  B 1 6  ? 8.040   3.597   -0.880  1.00 16.42 ? 16 DA  B P     1 
ATOM   300 O OP1   . DA  B 1 6  ? 9.450   3.566   -0.447  1.00 15.74 ? 16 DA  B OP1   1 
ATOM   301 O OP2   . DA  B 1 6  ? 7.605   4.137   -2.166  1.00 15.38 ? 16 DA  B OP2   1 
ATOM   302 O "O5'" . DA  B 1 6  ? 8.111   2.076   -0.739  1.00 17.61 ? 16 DA  B "O5'" 1 
ATOM   303 C "C5'" . DA  B 1 6  ? 8.328   1.560   0.539   1.00 15.21 ? 16 DA  B "C5'" 1 
ATOM   304 C "C4'" . DA  B 1 6  ? 7.882   0.095   0.429   1.00 17.01 ? 16 DA  B "C4'" 1 
ATOM   305 O "O4'" . DA  B 1 6  ? 6.436   -0.039  0.204   1.00 15.45 ? 16 DA  B "O4'" 1 
ATOM   306 C "C3'" . DA  B 1 6  ? 8.484   -0.605  -0.756  1.00 17.92 ? 16 DA  B "C3'" 1 
ATOM   307 O "O3'" . DA  B 1 6  ? 8.690   -1.913  -0.316  1.00 22.48 ? 16 DA  B "O3'" 1 
ATOM   308 C "C2'" . DA  B 1 6  ? 7.382   -0.392  -1.826  1.00 13.66 ? 16 DA  B "C2'" 1 
ATOM   309 C "C1'" . DA  B 1 6  ? 6.072   -0.495  -1.089  1.00 8.69  ? 16 DA  B "C1'" 1 
ATOM   310 N N9    . DA  B 1 6  ? 4.973   0.333   -1.568  1.00 5.66  ? 16 DA  B N9    1 
ATOM   311 C C8    . DA  B 1 6  ? 5.004   1.451   -2.373  1.00 5.56  ? 16 DA  B C8    1 
ATOM   312 N N7    . DA  B 1 6  ? 3.837   1.976   -2.632  1.00 2.63  ? 16 DA  B N7    1 
ATOM   313 C C5    . DA  B 1 6  ? 3.008   1.127   -1.966  1.00 2.00  ? 16 DA  B C5    1 
ATOM   314 C C6    . DA  B 1 6  ? 1.663   1.132   -1.857  1.00 2.00  ? 16 DA  B C6    1 
ATOM   315 N N6    . DA  B 1 6  ? 0.887   1.979   -2.376  1.00 7.02  ? 16 DA  B N6    1 
ATOM   316 N N1    . DA  B 1 6  ? 1.068   0.204   -1.250  1.00 4.11  ? 16 DA  B N1    1 
ATOM   317 C C2    . DA  B 1 6  ? 1.884   -0.687  -0.672  1.00 5.57  ? 16 DA  B C2    1 
ATOM   318 N N3    . DA  B 1 6  ? 3.182   -0.853  -0.633  1.00 4.35  ? 16 DA  B N3    1 
ATOM   319 C C4    . DA  B 1 6  ? 3.671   0.129   -1.338  1.00 2.00  ? 16 DA  B C4    1 
ATOM   320 P P     . DG  B 1 7  ? 9.702   -2.916  -1.050  1.00 23.59 ? 17 DG  B P     1 
ATOM   321 O OP1   . DG  B 1 7  ? 9.372   -4.142  -0.327  1.00 23.76 ? 17 DG  B OP1   1 
ATOM   322 O OP2   . DG  B 1 7  ? 11.133  -2.540  -1.153  1.00 15.17 ? 17 DG  B OP2   1 
ATOM   323 O "O5'" . DG  B 1 7  ? 8.787   -3.318  -2.230  1.00 19.96 ? 17 DG  B "O5'" 1 
ATOM   324 C "C5'" . DG  B 1 7  ? 7.748   -4.082  -1.555  1.00 15.52 ? 17 DG  B "C5'" 1 
ATOM   325 C "C4'" . DG  B 1 7  ? 6.562   -4.632  -2.341  1.00 15.51 ? 17 DG  B "C4'" 1 
ATOM   326 O "O4'" . DG  B 1 7  ? 5.507   -3.649  -2.495  1.00 12.62 ? 17 DG  B "O4'" 1 
ATOM   327 C "C3'" . DG  B 1 7  ? 6.772   -5.204  -3.730  1.00 12.74 ? 17 DG  B "C3'" 1 
ATOM   328 O "O3'" . DG  B 1 7  ? 5.739   -6.014  -3.841  1.00 17.84 ? 17 DG  B "O3'" 1 
ATOM   329 C "C2'" . DG  B 1 7  ? 6.173   -4.165  -4.623  1.00 11.03 ? 17 DG  B "C2'" 1 
ATOM   330 C "C1'" . DG  B 1 7  ? 4.953   -3.852  -3.780  1.00 6.57  ? 17 DG  B "C1'" 1 
ATOM   331 N N9    . DG  B 1 7  ? 4.466   -2.584  -4.229  1.00 5.67  ? 17 DG  B N9    1 
ATOM   332 C C8    . DG  B 1 7  ? 5.273   -1.560  -4.709  1.00 5.67  ? 17 DG  B C8    1 
ATOM   333 N N7    . DG  B 1 7  ? 4.590   -0.514  -5.087  1.00 6.48  ? 17 DG  B N7    1 
ATOM   334 C C5    . DG  B 1 7  ? 3.243   -0.872  -4.795  1.00 2.72  ? 17 DG  B C5    1 
ATOM   335 C C6    . DG  B 1 7  ? 2.028   -0.191  -4.944  1.00 4.60  ? 17 DG  B C6    1 
ATOM   336 O O6    . DG  B 1 7  ? 1.733   0.917   -5.360  1.00 6.24  ? 17 DG  B O6    1 
ATOM   337 N N1    . DG  B 1 7  ? 0.953   -0.946  -4.552  1.00 5.00  ? 17 DG  B N1    1 
ATOM   338 C C2    . DG  B 1 7  ? 0.972   -2.214  -4.112  1.00 2.58  ? 17 DG  B C2    1 
ATOM   339 N N2    . DG  B 1 7  ? -0.223  -2.700  -3.832  1.00 6.15  ? 17 DG  B N2    1 
ATOM   340 N N3    . DG  B 1 7  ? 2.042   -2.875  -3.888  1.00 5.18  ? 17 DG  B N3    1 
ATOM   341 C C4    . DG  B 1 7  ? 3.151   -2.157  -4.286  1.00 4.98  ? 17 DG  B C4    1 
ATOM   342 P P     . DC  B 1 8  ? 6.208   -7.437  -4.143  1.00 23.15 ? 18 DC  B P     1 
ATOM   343 O OP1   . DC  B 1 8  ? 5.633   -8.434  -3.237  1.00 25.64 ? 18 DC  B OP1   1 
ATOM   344 O OP2   . DC  B 1 8  ? 7.630   -7.365  -4.246  1.00 27.10 ? 18 DC  B OP2   1 
ATOM   345 O "O5'" . DC  B 1 8  ? 5.684   -7.654  -5.614  1.00 28.77 ? 18 DC  B "O5'" 1 
ATOM   346 C "C5'" . DC  B 1 8  ? 4.398   -7.340  -6.137  1.00 25.57 ? 18 DC  B "C5'" 1 
ATOM   347 C "C4'" . DC  B 1 8  ? 3.296   -7.947  -5.329  1.00 24.14 ? 18 DC  B "C4'" 1 
ATOM   348 O "O4'" . DC  B 1 8  ? 2.328   -6.912  -5.076  1.00 24.42 ? 18 DC  B "O4'" 1 
ATOM   349 C "C3'" . DC  B 1 8  ? 2.564   -8.886  -6.200  1.00 24.15 ? 18 DC  B "C3'" 1 
ATOM   350 O "O3'" . DC  B 1 8  ? 1.814   -9.896  -5.335  1.00 26.11 ? 18 DC  B "O3'" 1 
ATOM   351 C "C2'" . DC  B 1 8  ? 1.922   -7.780  -7.099  1.00 21.71 ? 18 DC  B "C2'" 1 
ATOM   352 C "C1'" . DC  B 1 8  ? 1.813   -6.479  -6.298  1.00 21.46 ? 18 DC  B "C1'" 1 
ATOM   353 N N1    . DC  B 1 8  ? 2.316   -5.022  -6.750  1.00 22.09 ? 18 DC  B N1    1 
ATOM   354 C C2    . DC  B 1 8  ? 1.379   -4.010  -7.012  1.00 22.86 ? 18 DC  B C2    1 
ATOM   355 O O2    . DC  B 1 8  ? 0.180   -4.274  -6.890  1.00 23.52 ? 18 DC  B O2    1 
ATOM   356 N N3    . DC  B 1 8  ? 1.764   -2.747  -7.398  1.00 22.86 ? 18 DC  B N3    1 
ATOM   357 C C4    . DC  B 1 8  ? 3.060   -2.438  -7.536  1.00 22.85 ? 18 DC  B C4    1 
ATOM   358 N N4    . DC  B 1 8  ? 3.382   -1.168  -7.874  1.00 23.07 ? 18 DC  B N4    1 
ATOM   359 C C5    . DC  B 1 8  ? 4.040   -3.417  -7.270  1.00 20.41 ? 18 DC  B C5    1 
ATOM   360 C C6    . DC  B 1 8  ? 3.620   -4.639  -6.914  1.00 21.88 ? 18 DC  B C6    1 
ATOM   361 P P     . DG  B 1 9  ? 1.477   -11.489 -5.673  1.00 26.82 ? 19 DG  B P     1 
ATOM   362 O OP1   . DG  B 1 9  ? 0.662   -12.120 -4.623  1.00 25.81 ? 19 DG  B OP1   1 
ATOM   363 O OP2   . DG  B 1 9  ? 2.597   -12.375 -6.122  1.00 22.44 ? 19 DG  B OP2   1 
ATOM   364 O "O5'" . DG  B 1 9  ? 0.363   -11.180 -6.707  1.00 17.19 ? 19 DG  B "O5'" 1 
ATOM   365 C "C5'" . DG  B 1 9  ? -0.596  -10.397 -6.242  1.00 14.15 ? 19 DG  B "C5'" 1 
ATOM   366 C "C4'" . DG  B 1 9  ? -1.186  -9.808  -7.492  1.00 15.47 ? 19 DG  B "C4'" 1 
ATOM   367 O "O4'" . DG  B 1 9  ? -0.367  -8.808  -8.133  1.00 12.88 ? 19 DG  B "O4'" 1 
ATOM   368 C "C3'" . DG  B 1 9  ? -1.304  -10.811 -8.602  1.00 15.99 ? 19 DG  B "C3'" 1 
ATOM   369 O "O3'" . DG  B 1 9  ? -2.596  -11.144 -8.517  1.00 18.60 ? 19 DG  B "O3'" 1 
ATOM   370 C "C2'" . DG  B 1 9  ? -0.947  -10.016 -9.879  1.00 15.64 ? 19 DG  B "C2'" 1 
ATOM   371 C "C1'" . DG  B 1 9  ? -0.972  -8.568  -9.382  1.00 9.06  ? 19 DG  B "C1'" 1 
ATOM   372 N N9    . DG  B 1 9  ? 0.086   -7.719  -9.723  1.00 5.65  ? 19 DG  B N9    1 
ATOM   373 C C8    . DG  B 1 9  ? 1.356   -8.209  -9.599  1.00 6.02  ? 19 DG  B C8    1 
ATOM   374 N N7    . DG  B 1 9  ? 2.255   -7.333  -9.868  1.00 8.45  ? 19 DG  B N7    1 
ATOM   375 C C5    . DG  B 1 9  ? 1.476   -6.174  -10.111 1.00 8.11  ? 19 DG  B C5    1 
ATOM   376 C C6    . DG  B 1 9  ? 1.972   -4.934  -10.420 1.00 7.16  ? 19 DG  B C6    1 
ATOM   377 O O6    . DG  B 1 9  ? 3.195   -4.738  -10.519 1.00 6.02  ? 19 DG  B O6    1 
ATOM   378 N N1    . DG  B 1 9  ? 0.939   -4.000  -10.579 1.00 7.34  ? 19 DG  B N1    1 
ATOM   379 C C2    . DG  B 1 9  ? -0.439  -4.236  -10.482 1.00 6.77  ? 19 DG  B C2    1 
ATOM   380 N N2    . DG  B 1 9  ? -1.280  -3.204  -10.699 1.00 6.20  ? 19 DG  B N2    1 
ATOM   381 N N3    . DG  B 1 9  ? -0.925  -5.441  -10.198 1.00 7.55  ? 19 DG  B N3    1 
ATOM   382 C C4    . DG  B 1 9  ? 0.115   -6.368  -10.026 1.00 7.62  ? 19 DG  B C4    1 
ATOM   383 P P     . DG  B 1 10 ? -3.398  -11.607 -9.775  1.00 20.94 ? 20 DG  B P     1 
ATOM   384 O OP1   . DG  B 1 10 ? -4.643  -12.013 -9.083  1.00 22.53 ? 20 DG  B OP1   1 
ATOM   385 O OP2   . DG  B 1 10 ? -2.608  -12.574 -10.591 1.00 23.10 ? 20 DG  B OP2   1 
ATOM   386 O "O5'" . DG  B 1 10 ? -3.766  -10.304 -10.555 1.00 18.87 ? 20 DG  B "O5'" 1 
ATOM   387 C "C5'" . DG  B 1 10 ? -5.163  -10.100 -10.602 1.00 14.58 ? 20 DG  B "C5'" 1 
ATOM   388 C "C4'" . DG  B 1 10 ? -5.432  -8.922  -11.454 1.00 7.31  ? 20 DG  B "C4'" 1 
ATOM   389 O "O4'" . DG  B 1 10 ? -4.177  -8.449  -11.885 1.00 8.18  ? 20 DG  B "O4'" 1 
ATOM   390 C "C3'" . DG  B 1 10 ? -6.110  -9.198  -12.730 1.00 10.21 ? 20 DG  B "C3'" 1 
ATOM   391 O "O3'" . DG  B 1 10 ? -6.539  -7.849  -12.998 1.00 8.87  ? 20 DG  B "O3'" 1 
ATOM   392 C "C2'" . DG  B 1 10 ? -4.938  -9.718  -13.551 1.00 9.70  ? 20 DG  B "C2'" 1 
ATOM   393 C "C1'" . DG  B 1 10 ? -3.925  -8.601  -13.253 1.00 8.98  ? 20 DG  B "C1'" 1 
ATOM   394 N N9    . DG  B 1 10 ? -2.470  -8.856  -13.322 1.00 9.48  ? 20 DG  B N9    1 
ATOM   395 C C8    . DG  B 1 10 ? -1.874  -10.079 -13.138 1.00 7.58  ? 20 DG  B C8    1 
ATOM   396 N N7    . DG  B 1 10 ? -0.562  -10.026 -13.194 1.00 7.87  ? 20 DG  B N7    1 
ATOM   397 C C5    . DG  B 1 10 ? -0.275  -8.709  -13.481 1.00 7.28  ? 20 DG  B C5    1 
ATOM   398 C C6    . DG  B 1 10 ? 0.963   -8.098  -13.680 1.00 3.95  ? 20 DG  B C6    1 
ATOM   399 O O6    . DG  B 1 10 ? 2.119   -8.505  -13.612 1.00 5.69  ? 20 DG  B O6    1 
ATOM   400 N N1    . DG  B 1 10 ? 0.822   -6.779  -13.894 1.00 6.98  ? 20 DG  B N1    1 
ATOM   401 C C2    . DG  B 1 10 ? -0.341  -6.059  -13.947 1.00 10.62 ? 20 DG  B C2    1 
ATOM   402 N N2    . DG  B 1 10 ? -0.165  -4.714  -14.200 1.00 8.22  ? 20 DG  B N2    1 
ATOM   403 N N3    . DG  B 1 10 ? -1.548  -6.640  -13.768 1.00 12.55 ? 20 DG  B N3    1 
ATOM   404 C C4    . DG  B 1 10 ? -1.435  -7.969  -13.536 1.00 8.58  ? 20 DG  B C4    1 
HETATM 405 O O     . HOH C 2 .  ? -6.710  -8.387  -0.026  1.00 22.30 ? 21 HOH A O     1 
HETATM 406 O O     . HOH C 2 .  ? 1.010   5.290   -18.471 1.00 4.64  ? 22 HOH A O     1 
HETATM 407 O O     . HOH C 2 .  ? -10.504 -3.029  -0.294  1.00 8.53  ? 23 HOH A O     1 
HETATM 408 O O     . HOH C 2 .  ? -3.656  3.848   -4.896  1.00 7.37  ? 25 HOH A O     1 
HETATM 409 O O     . HOH C 2 .  ? -12.389 -4.576  -4.503  1.00 20.57 ? 26 HOH A O     1 
HETATM 410 O O     . HOH C 2 .  ? -5.479  5.838   -11.931 1.00 21.38 ? 27 HOH A O     1 
HETATM 411 O O     . HOH C 2 .  ? -6.410  -4.025  4.730   1.00 3.36  ? 29 HOH A O     1 
HETATM 412 O O     . HOH C 2 .  ? -5.913  -2.014  -9.472  1.00 11.98 ? 32 HOH A O     1 
HETATM 413 O O     . HOH C 2 .  ? 1.072   -0.154  -21.460 1.00 66.55 ? 34 HOH A O     1 
HETATM 414 O O     . HOH C 2 .  ? -5.338  0.321   7.528   1.00 7.98  ? 35 HOH A O     1 
HETATM 415 O O     . HOH C 2 .  ? -5.250  -5.034  -9.555  1.00 7.31  ? 36 HOH A O     1 
HETATM 416 O O     . HOH C 2 .  ? 11.632  5.162   12.911  1.00 10.69 ? 37 HOH A O     1 
HETATM 417 O O     . HOH C 2 .  ? -6.494  -3.089  -7.263  1.00 23.42 ? 46 HOH A O     1 
HETATM 418 O O     . HOH C 2 .  ? 0.284   -1.265  -18.561 1.00 36.37 ? 49 HOH A O     1 
HETATM 419 O O     . HOH C 2 .  ? 2.911   2.731   -11.021 1.00 27.24 ? 52 HOH A O     1 
HETATM 420 O O     . HOH C 2 .  ? -4.436  -10.860 5.667   1.00 58.07 ? 53 HOH A O     1 
HETATM 421 O O     . HOH C 2 .  ? -1.055  3.936   -5.078  1.00 29.01 ? 55 HOH A O     1 
HETATM 422 O O     . HOH C 2 .  ? -12.811 -4.377  -0.282  1.00 32.07 ? 61 HOH A O     1 
HETATM 423 O O     . HOH C 2 .  ? 3.594   1.060   18.678  1.00 32.72 ? 62 HOH A O     1 
HETATM 424 O O     . HOH C 2 .  ? -2.399  7.250   12.783  1.00 18.19 ? 64 HOH A O     1 
HETATM 425 O O     . HOH D 2 .  ? 8.744   1.753   -4.608  1.00 10.34 ? 30 HOH B O     1 
HETATM 426 O O     . HOH D 2 .  ? -0.715  -14.813 -12.399 1.00 13.94 ? 31 HOH B O     1 
HETATM 427 O O     . HOH D 2 .  ? 6.248   -9.386  -9.558  1.00 35.85 ? 38 HOH B O     1 
HETATM 428 O O     . HOH D 2 .  ? -6.924  11.855  12.315  1.00 8.34  ? 39 HOH B O     1 
HETATM 429 O O     . HOH D 2 .  ? -0.646  -13.828 -10.134 1.00 26.80 ? 41 HOH B O     1 
HETATM 430 O O     . HOH D 2 .  ? -6.302  -0.905  17.822  1.00 25.72 ? 42 HOH B O     1 
HETATM 431 O O     . HOH D 2 .  ? -5.279  10.799  14.103  1.00 42.07 ? 43 HOH B O     1 
HETATM 432 O O     . HOH D 2 .  ? -6.840  3.693   -0.604  1.00 31.39 ? 44 HOH B O     1 
HETATM 433 O O     . HOH D 2 .  ? 4.011   13.527  4.693   1.00 30.17 ? 45 HOH B O     1 
HETATM 434 O O     . HOH D 2 .  ? 0.897   8.615   8.400   1.00 49.01 ? 47 HOH B O     1 
HETATM 435 O O     . HOH D 2 .  ? 3.534   -1.016  1.872   1.00 56.39 ? 50 HOH B O     1 
HETATM 436 O O     . HOH D 2 .  ? 5.350   5.070   -3.943  1.00 25.09 ? 51 HOH B O     1 
HETATM 437 O O     . HOH D 2 .  ? -11.577 6.582   8.168   1.00 19.68 ? 56 HOH B O     1 
HETATM 438 O O     . HOH D 2 .  ? -7.586  9.638   8.601   1.00 31.07 ? 57 HOH B O     1 
HETATM 439 O O     . HOH D 2 .  ? 5.879   -4.946  -9.949  1.00 38.01 ? 58 HOH B O     1 
HETATM 440 O O     . HOH D 2 .  ? 6.516   12.936  4.430   1.00 31.68 ? 59 HOH B O     1 
HETATM 441 O O     . HOH D 2 .  ? 11.722  2.192   -1.367  1.00 33.78 ? 60 HOH B O     1 
HETATM 442 O O     . HOH D 2 .  ? 3.996   -4.602  0.590   1.00 31.09 ? 63 HOH B O     1 
# 
